data_9B5H
#
_entry.id   9B5H
#
_cell.length_a   1.00
_cell.length_b   1.00
_cell.length_c   1.00
_cell.angle_alpha   90.00
_cell.angle_beta   90.00
_cell.angle_gamma   90.00
#
_symmetry.space_group_name_H-M   'P 1'
#
loop_
_entity.id
_entity.type
_entity.pdbx_description
1 polymer 'Ubiquitin-activating enzyme E1 1'
2 polymer 'Large ribosomal subunit protein eL40B'
3 polymer 'Ubiquitin-conjugating enzyme E2 4'
4 polymer Ubiquitin
5 non-polymer 'MAGNESIUM ION'
6 non-polymer 'PYROPHOSPHATE 2-'
7 non-polymer 'ADENOSINE MONOPHOSPHATE'
8 non-polymer 4-aminobutanenitrile
#
loop_
_entity_poly.entity_id
_entity_poly.type
_entity_poly.pdbx_seq_one_letter_code
_entity_poly.pdbx_strand_id
1 'polypeptide(L)'
;SNTIDEGLYSRQLYVLGHEAMKQMSQSNVLIIGCKGLGVEIAKNVCLAGVKSVTLYDPQPTRIEDLSSQYFLTEDDIGVP
RAKVTVSKLAELNQYVPVSVVDELSTEYLKNFKCVVVTETSLTKQLEINDFTHKNHIAYIAADSRGLFGSIFCDFGENFI
CTDTDGNEPLTGMIASITDDGVVTMLEETRHGLENGDFVKFTEVKGMPGLNDGTPRKVEVKGPYTFSIGSVKDLGSAGYN
GVFTQVKVPTKISFKSLRESLKDPEYVYPDFGKMMRPPQYHIAFQALSAFADAHEGSLPRPRNDIDAAEFFEFCKKIAST
LQFDVELDEKLIKEISYQARGDLVAMSAFLGGAVAQEVLKATTSKFYPLKQYFYFDSLESLPSSVTISEETCKPRGCRYD
GQIAVFGSEFQEKIASLSTFLVGAGAIGCEMLKNWAMMGVATGESGHISVTDMDSIEKSNLNRQFLFRPRDVGKLKSECA
STAVSIMNPSLTGKITSYQERVGPESEGIFGDEFFEKLSLVTNALDNVEARMYVDRRCVFFEKPLLESGTLGTKGNTQVV
VPHLTESYGSSQDPPEKSFPICTLKNFPNRIEHTIAWARDLFEGLFKQPIDNVNMYLSSPNFLETSLKTSSNPREVLENI
RDYLVTEKPLSFEECIMWARLQFDKFFNNNIQQLLFNFPKDSVTSTGQPFWSGPKRAPTPLSFDIHNREHFDFIVAAASL
YAFNYGLKSETDPAIYERVLAGYNPPPFAPKSGIKIQVNENEEAPETAANKDKQELKSIADSLPPPSSLVGFRLTPAEFE
KDDDSNHHIDFITAASNLRAMNYDITPADRFKTKFVAGKIVPAMCTSTAVVSGLVCLELVKLVDGKKKIEEYKNGFFNLA
IGLFTFSDPIASPKMKVNGKEIDKIWDRYNLPDCTLQELIDYFQKEEGLEVTMLSSGVSLLYANFQPPKKLAERLPLKIS
ELVEQITKKKLEPFRKHLVLEICCDDANGEDVEVPFICIKL
;
A
2 'polypeptide(L)' MQIFVKTLTGKTITLEVESSDTIDNVKSKIQDKEGIPPDQQRLIFAGKQLEDGRTLSDYNIQKESTLHLVLRLRGG B
3 'polypeptide(L)'
;MALKRINRELADLGKDPPSSSSAGPVGDDLFHWQATIMGPADSPYAGGVFFLSIHFPTDYPFKPPKVNFTTRIYHPNINS
NGSICLDILRDQWSPALTISKVLLSISSLLTDPNPDDPLVPEIAHVYKTDRSRYELSAREWTRKYAIGGLVPR
;
C
4 'polypeptide(L)' GSGGMQIFVKTLTGKTITLEVESSDTIDNVKSKIQDKEGIPPDQQRLIFAGKQLEDGRTLSDYNIQKESTLHLVLRLRG D
#
loop_
_chem_comp.id
_chem_comp.type
_chem_comp.name
_chem_comp.formula
A1AIV non-polymer 4-aminobutanenitrile 'C4 H8 N2'
AMP non-polymer 'ADENOSINE MONOPHOSPHATE' 'C10 H14 N5 O7 P'
MG non-polymer 'MAGNESIUM ION' 'Mg 2'
POP non-polymer 'PYROPHOSPHATE 2-' 'H2 O7 P2 -2'
#
# COMPACT_ATOMS: atom_id res chain seq x y z
N THR A 3 -19.18 7.92 20.74
CA THR A 3 -20.41 7.43 20.11
C THR A 3 -20.30 7.48 18.59
N ILE A 4 -19.08 7.39 18.09
CA ILE A 4 -18.85 7.36 16.65
C ILE A 4 -19.18 5.97 16.12
N ASP A 5 -19.93 5.92 15.02
CA ASP A 5 -20.28 4.66 14.40
C ASP A 5 -19.07 4.06 13.70
N GLU A 6 -18.34 3.20 14.39
CA GLU A 6 -17.13 2.61 13.83
C GLU A 6 -17.43 1.60 12.73
N GLY A 7 -18.69 1.17 12.57
CA GLY A 7 -19.04 0.30 11.47
C GLY A 7 -19.08 1.01 10.13
N LEU A 8 -19.15 2.34 10.14
CA LEU A 8 -19.14 3.15 8.93
C LEU A 8 -17.85 3.92 8.74
N TYR A 9 -17.31 4.52 9.80
CA TYR A 9 -16.12 5.34 9.74
C TYR A 9 -14.85 4.56 10.07
N SER A 10 -14.82 3.27 9.75
CA SER A 10 -13.69 2.44 10.17
C SER A 10 -12.38 2.92 9.55
N ARG A 11 -12.37 3.12 8.23
CA ARG A 11 -11.13 3.46 7.55
C ARG A 11 -10.73 4.91 7.79
N GLN A 12 -11.70 5.79 8.02
CA GLN A 12 -11.42 7.20 8.24
C GLN A 12 -10.89 7.47 9.64
N LEU A 13 -11.30 6.66 10.61
CA LEU A 13 -10.78 6.83 11.98
C LEU A 13 -9.31 6.50 12.06
N TYR A 14 -8.81 5.64 11.18
CA TYR A 14 -7.38 5.33 11.15
C TYR A 14 -6.56 6.47 10.57
N VAL A 15 -7.20 7.42 9.90
CA VAL A 15 -6.54 8.62 9.39
C VAL A 15 -6.67 9.78 10.37
N LEU A 16 -7.89 10.04 10.83
CA LEU A 16 -8.14 11.22 11.66
C LEU A 16 -7.99 10.91 13.14
N GLY A 17 -8.73 9.94 13.64
CA GLY A 17 -8.74 9.60 15.05
C GLY A 17 -10.12 9.80 15.66
N HIS A 18 -10.20 9.51 16.96
CA HIS A 18 -11.47 9.62 17.66
C HIS A 18 -11.73 11.04 18.15
N GLU A 19 -10.74 11.69 18.73
CA GLU A 19 -10.92 13.08 19.18
C GLU A 19 -11.17 14.00 18.00
N ALA A 20 -10.44 13.80 16.91
CA ALA A 20 -10.62 14.65 15.73
C ALA A 20 -12.04 14.53 15.18
N MET A 21 -12.55 13.31 15.05
CA MET A 21 -13.89 13.13 14.53
C MET A 21 -14.94 13.58 15.53
N LYS A 22 -14.67 13.45 16.82
CA LYS A 22 -15.61 13.95 17.82
C LYS A 22 -15.74 15.46 17.71
N GLN A 23 -14.63 16.17 17.53
CA GLN A 23 -14.70 17.61 17.34
C GLN A 23 -15.30 17.97 15.98
N MET A 24 -15.07 17.11 14.98
CA MET A 24 -15.61 17.36 13.64
C MET A 24 -17.12 17.23 13.61
N SER A 25 -17.69 16.33 14.42
CA SER A 25 -19.13 16.13 14.44
C SER A 25 -19.87 17.20 15.24
N GLN A 26 -19.20 18.29 15.61
CA GLN A 26 -19.83 19.40 16.31
C GLN A 26 -19.67 20.71 15.55
N SER A 27 -19.36 20.63 14.26
CA SER A 27 -19.00 21.80 13.46
C SER A 27 -19.99 21.96 12.32
N ASN A 28 -20.39 23.20 12.06
CA ASN A 28 -21.28 23.53 10.96
C ASN A 28 -20.49 24.14 9.80
N VAL A 29 -20.85 23.74 8.59
CA VAL A 29 -20.18 24.16 7.37
C VAL A 29 -21.22 24.81 6.46
N LEU A 30 -20.95 26.04 6.05
CA LEU A 30 -21.77 26.72 5.05
C LEU A 30 -21.03 26.69 3.72
N ILE A 31 -21.73 26.36 2.65
CA ILE A 31 -21.13 26.28 1.32
C ILE A 31 -21.94 27.18 0.39
N ILE A 32 -21.28 28.19 -0.16
CA ILE A 32 -21.91 29.14 -1.08
C ILE A 32 -21.50 28.75 -2.49
N GLY A 33 -22.50 28.46 -3.33
CA GLY A 33 -22.26 27.96 -4.66
C GLY A 33 -22.51 26.47 -4.76
N CYS A 34 -23.33 26.05 -5.73
CA CYS A 34 -23.70 24.65 -5.89
C CYS A 34 -23.45 24.18 -7.30
N LYS A 35 -22.33 24.58 -7.89
CA LYS A 35 -21.88 24.04 -9.16
C LYS A 35 -20.94 22.86 -8.89
N GLY A 36 -20.21 22.41 -9.91
CA GLY A 36 -19.44 21.19 -9.78
C GLY A 36 -18.46 21.24 -8.62
N LEU A 37 -17.73 22.35 -8.49
CA LEU A 37 -16.78 22.48 -7.39
C LEU A 37 -17.50 22.48 -6.05
N GLY A 38 -18.56 23.27 -5.94
CA GLY A 38 -19.31 23.32 -4.69
C GLY A 38 -19.93 22.00 -4.32
N VAL A 39 -20.51 21.30 -5.30
CA VAL A 39 -21.15 20.02 -5.00
C VAL A 39 -20.11 18.97 -4.65
N GLU A 40 -18.93 19.01 -5.27
CA GLU A 40 -17.86 18.12 -4.88
C GLU A 40 -17.44 18.36 -3.44
N ILE A 41 -17.25 19.63 -3.07
CA ILE A 41 -16.88 19.94 -1.69
C ILE A 41 -17.95 19.46 -0.72
N ALA A 42 -19.22 19.73 -1.04
CA ALA A 42 -20.29 19.34 -0.15
C ALA A 42 -20.40 17.83 -0.01
N LYS A 43 -20.19 17.10 -1.11
CA LYS A 43 -20.20 15.64 -1.05
C LYS A 43 -19.11 15.12 -0.14
N ASN A 44 -17.88 15.64 -0.31
CA ASN A 44 -16.79 15.17 0.53
C ASN A 44 -17.01 15.53 1.99
N VAL A 45 -17.59 16.69 2.26
CA VAL A 45 -17.87 17.08 3.64
C VAL A 45 -18.95 16.21 4.25
N CYS A 46 -20.00 15.89 3.49
CA CYS A 46 -21.04 15.00 3.99
C CYS A 46 -20.50 13.61 4.27
N LEU A 47 -19.64 13.10 3.40
CA LEU A 47 -19.04 11.79 3.65
C LEU A 47 -18.09 11.83 4.84
N ALA A 48 -17.42 12.97 5.07
CA ALA A 48 -16.48 13.05 6.17
C ALA A 48 -17.17 12.90 7.52
N GLY A 49 -18.31 13.57 7.71
CA GLY A 49 -19.07 13.42 8.93
C GLY A 49 -19.19 14.66 9.80
N VAL A 50 -19.25 15.85 9.19
CA VAL A 50 -19.43 17.08 9.95
C VAL A 50 -20.85 17.09 10.52
N LYS A 51 -21.13 18.03 11.42
CA LYS A 51 -22.43 18.05 12.08
C LYS A 51 -23.56 18.27 11.09
N SER A 52 -23.42 19.27 10.22
CA SER A 52 -24.45 19.57 9.23
C SER A 52 -23.84 20.41 8.13
N VAL A 53 -24.56 20.51 7.01
CA VAL A 53 -24.15 21.28 5.85
C VAL A 53 -25.32 22.15 5.43
N THR A 54 -25.06 23.42 5.15
CA THR A 54 -26.06 24.34 4.62
C THR A 54 -25.59 24.85 3.26
N LEU A 55 -26.51 24.88 2.30
CA LEU A 55 -26.22 25.29 0.94
C LEU A 55 -26.92 26.61 0.64
N TYR A 56 -26.25 27.47 -0.13
CA TYR A 56 -26.83 28.73 -0.57
C TYR A 56 -26.49 28.94 -2.04
N ASP A 57 -27.48 28.75 -2.91
CA ASP A 57 -27.29 29.01 -4.33
C ASP A 57 -28.65 29.21 -5.00
N PRO A 58 -29.17 30.43 -5.01
CA PRO A 58 -30.50 30.67 -5.60
C PRO A 58 -30.51 30.85 -7.10
N GLN A 59 -29.45 30.49 -7.80
CA GLN A 59 -29.38 30.69 -9.24
C GLN A 59 -30.08 29.55 -9.97
N PRO A 60 -31.00 29.83 -10.89
CA PRO A 60 -31.66 28.73 -11.61
C PRO A 60 -30.68 27.92 -12.44
N THR A 61 -30.99 26.64 -12.57
CA THR A 61 -30.10 25.72 -13.28
C THR A 61 -30.07 26.03 -14.77
N ARG A 62 -28.87 25.93 -15.34
CA ARG A 62 -28.65 26.02 -16.78
C ARG A 62 -28.14 24.68 -17.30
N ILE A 63 -28.23 24.50 -18.61
CA ILE A 63 -27.84 23.22 -19.21
C ILE A 63 -26.33 23.00 -19.05
N GLU A 64 -25.53 24.03 -19.33
CA GLU A 64 -24.08 23.89 -19.23
C GLU A 64 -23.63 23.51 -17.83
N ASP A 65 -24.43 23.83 -16.81
CA ASP A 65 -24.06 23.46 -15.44
C ASP A 65 -23.92 21.95 -15.29
N LEU A 66 -24.53 21.17 -16.17
CA LEU A 66 -24.40 19.72 -16.11
C LEU A 66 -23.02 19.22 -16.52
N SER A 67 -22.10 20.11 -16.88
CA SER A 67 -20.78 19.66 -17.32
C SER A 67 -19.99 19.03 -16.18
N SER A 68 -20.21 19.48 -14.94
CA SER A 68 -19.53 18.90 -13.80
C SER A 68 -20.44 18.68 -12.59
N GLN A 69 -21.70 19.07 -12.67
CA GLN A 69 -22.65 18.87 -11.57
C GLN A 69 -23.41 17.57 -11.84
N TYR A 70 -23.09 16.53 -11.07
CA TYR A 70 -23.65 15.20 -11.31
C TYR A 70 -24.92 14.93 -10.51
N PHE A 71 -25.38 15.89 -9.71
CA PHE A 71 -26.67 15.77 -9.05
C PHE A 71 -27.76 16.55 -9.77
N LEU A 72 -27.46 17.10 -10.94
CA LEU A 72 -28.43 17.79 -11.77
C LEU A 72 -28.78 16.96 -12.99
N THR A 73 -30.04 16.98 -13.38
CA THR A 73 -30.52 16.33 -14.58
C THR A 73 -31.12 17.37 -15.52
N GLU A 74 -31.40 16.95 -16.75
CA GLU A 74 -31.95 17.88 -17.73
C GLU A 74 -33.40 18.25 -17.44
N ASP A 75 -34.04 17.58 -16.49
CA ASP A 75 -35.39 17.93 -16.07
C ASP A 75 -35.41 19.03 -15.02
N ASP A 76 -34.25 19.48 -14.57
CA ASP A 76 -34.14 20.48 -13.51
C ASP A 76 -33.82 21.87 -14.04
N ILE A 77 -33.90 22.08 -15.35
CA ILE A 77 -33.55 23.38 -15.91
C ILE A 77 -34.54 24.43 -15.43
N GLY A 78 -34.02 25.56 -14.95
CA GLY A 78 -34.84 26.63 -14.44
C GLY A 78 -35.14 26.56 -12.95
N VAL A 79 -34.67 25.53 -12.26
CA VAL A 79 -34.90 25.38 -10.82
C VAL A 79 -33.61 25.77 -10.10
N PRO A 80 -33.68 26.45 -8.95
CA PRO A 80 -32.45 26.81 -8.24
C PRO A 80 -31.62 25.58 -7.92
N ARG A 81 -30.30 25.73 -8.05
CA ARG A 81 -29.41 24.57 -7.98
C ARG A 81 -29.40 23.95 -6.59
N ALA A 82 -29.42 24.78 -5.55
CA ALA A 82 -29.40 24.25 -4.18
C ALA A 82 -30.63 23.39 -3.90
N LYS A 83 -31.80 23.84 -4.38
CA LYS A 83 -33.03 23.09 -4.11
C LYS A 83 -32.99 21.71 -4.72
N VAL A 84 -32.45 21.60 -5.94
CA VAL A 84 -32.39 20.29 -6.60
C VAL A 84 -31.18 19.46 -6.17
N THR A 85 -30.20 20.08 -5.50
CA THR A 85 -29.03 19.35 -5.03
C THR A 85 -29.19 18.82 -3.62
N VAL A 86 -29.96 19.51 -2.77
CA VAL A 86 -30.06 19.12 -1.37
C VAL A 86 -30.66 17.73 -1.23
N SER A 87 -31.65 17.41 -2.08
CA SER A 87 -32.31 16.12 -1.98
C SER A 87 -31.32 14.97 -2.18
N LYS A 88 -30.46 15.09 -3.19
CA LYS A 88 -29.49 14.04 -3.46
C LYS A 88 -28.32 14.07 -2.49
N LEU A 89 -27.99 15.23 -1.93
CA LEU A 89 -26.92 15.28 -0.95
C LEU A 89 -27.36 14.68 0.39
N ALA A 90 -28.65 14.78 0.72
CA ALA A 90 -29.12 14.29 2.01
C ALA A 90 -29.04 12.78 2.14
N GLU A 91 -28.79 12.06 1.04
CA GLU A 91 -28.74 10.60 1.08
C GLU A 91 -27.33 10.05 1.31
N LEU A 92 -26.29 10.86 1.11
CA LEU A 92 -24.94 10.33 1.21
C LEU A 92 -24.63 9.81 2.59
N ASN A 93 -25.00 10.56 3.63
CA ASN A 93 -24.75 10.17 5.01
C ASN A 93 -25.97 10.50 5.83
N GLN A 94 -26.42 9.55 6.66
CA GLN A 94 -27.63 9.75 7.44
C GLN A 94 -27.39 10.55 8.71
N TYR A 95 -26.14 10.69 9.15
CA TYR A 95 -25.83 11.45 10.35
C TYR A 95 -25.58 12.93 10.07
N VAL A 96 -25.60 13.34 8.80
CA VAL A 96 -25.29 14.72 8.42
C VAL A 96 -26.53 15.30 7.75
N PRO A 97 -27.30 16.12 8.46
CA PRO A 97 -28.39 16.86 7.81
C PRO A 97 -27.86 17.86 6.80
N VAL A 98 -28.62 18.06 5.73
CA VAL A 98 -28.29 19.02 4.70
C VAL A 98 -29.49 19.93 4.49
N SER A 99 -29.25 21.24 4.49
CA SER A 99 -30.31 22.24 4.45
C SER A 99 -30.04 23.23 3.33
N VAL A 100 -30.96 24.17 3.16
CA VAL A 100 -30.85 25.23 2.16
C VAL A 100 -31.35 26.53 2.77
N VAL A 101 -30.64 27.62 2.51
CA VAL A 101 -31.06 28.95 2.92
C VAL A 101 -31.28 29.79 1.66
N ASP A 102 -32.46 30.41 1.57
CA ASP A 102 -32.78 31.23 0.41
C ASP A 102 -32.19 32.63 0.47
N GLU A 103 -31.72 33.04 1.64
CA GLU A 103 -31.22 34.41 1.82
C GLU A 103 -30.07 34.37 2.81
N LEU A 104 -28.99 35.07 2.48
CA LEU A 104 -27.80 35.13 3.33
C LEU A 104 -27.60 36.54 3.85
N SER A 105 -27.44 36.67 5.16
CA SER A 105 -27.09 37.91 5.81
C SER A 105 -25.76 37.73 6.52
N THR A 106 -25.06 38.85 6.76
CA THR A 106 -23.75 38.78 7.38
C THR A 106 -23.84 38.19 8.78
N GLU A 107 -24.75 38.71 9.60
CA GLU A 107 -24.86 38.25 10.98
C GLU A 107 -25.24 36.77 11.05
N TYR A 108 -25.84 36.22 10.01
CA TYR A 108 -26.19 34.81 9.98
C TYR A 108 -24.96 33.91 9.90
N LEU A 109 -23.79 34.45 9.57
CA LEU A 109 -22.60 33.64 9.40
C LEU A 109 -22.04 33.12 10.71
N LYS A 110 -22.50 33.63 11.85
CA LYS A 110 -21.94 33.23 13.13
C LYS A 110 -22.35 31.82 13.56
N ASN A 111 -23.28 31.19 12.84
CA ASN A 111 -23.76 29.86 13.18
C ASN A 111 -22.86 28.75 12.68
N PHE A 112 -21.81 29.07 11.93
CA PHE A 112 -21.05 28.07 11.18
C PHE A 112 -19.61 28.05 11.64
N LYS A 113 -19.04 26.84 11.69
CA LYS A 113 -17.63 26.68 12.01
C LYS A 113 -16.75 27.01 10.81
N CYS A 114 -17.21 26.71 9.59
CA CYS A 114 -16.43 27.00 8.39
C CYS A 114 -17.33 27.53 7.30
N VAL A 115 -16.80 28.45 6.50
CA VAL A 115 -17.53 29.04 5.37
C VAL A 115 -16.70 28.84 4.11
N VAL A 116 -17.27 28.14 3.13
CA VAL A 116 -16.64 27.89 1.83
C VAL A 116 -17.37 28.71 0.78
N VAL A 117 -16.61 29.40 -0.07
CA VAL A 117 -17.14 30.34 -1.04
C VAL A 117 -16.67 29.94 -2.43
N THR A 118 -17.61 29.73 -3.33
CA THR A 118 -17.32 29.46 -4.73
C THR A 118 -18.26 30.27 -5.60
N GLU A 119 -17.84 30.55 -6.83
CA GLU A 119 -18.67 31.24 -7.81
C GLU A 119 -19.18 32.57 -7.27
N THR A 120 -18.30 33.33 -6.61
CA THR A 120 -18.66 34.60 -6.01
C THR A 120 -17.65 35.67 -6.43
N SER A 121 -18.15 36.89 -6.61
CA SER A 121 -17.31 37.99 -7.03
C SER A 121 -16.38 38.42 -5.90
N LEU A 122 -15.36 39.20 -6.25
CA LEU A 122 -14.35 39.57 -5.28
C LEU A 122 -14.87 40.55 -4.23
N THR A 123 -15.79 41.44 -4.61
CA THR A 123 -16.35 42.36 -3.63
C THR A 123 -17.16 41.61 -2.57
N LYS A 124 -17.97 40.65 -2.98
CA LYS A 124 -18.72 39.84 -2.02
C LYS A 124 -17.78 39.03 -1.14
N GLN A 125 -16.71 38.48 -1.73
CA GLN A 125 -15.74 37.74 -0.93
C GLN A 125 -15.08 38.65 0.11
N LEU A 126 -14.73 39.87 -0.27
CA LEU A 126 -14.16 40.81 0.68
C LEU A 126 -15.16 41.13 1.79
N GLU A 127 -16.43 41.31 1.43
CA GLU A 127 -17.45 41.61 2.43
C GLU A 127 -17.61 40.46 3.41
N ILE A 128 -17.59 39.22 2.92
CA ILE A 128 -17.75 38.07 3.80
C ILE A 128 -16.52 37.88 4.68
N ASN A 129 -15.32 38.04 4.11
CA ASN A 129 -14.11 37.80 4.87
C ASN A 129 -13.87 38.89 5.90
N ASP A 130 -14.25 40.13 5.62
CA ASP A 130 -14.13 41.19 6.62
C ASP A 130 -14.91 40.85 7.87
N PHE A 131 -15.99 40.08 7.74
CA PHE A 131 -16.76 39.66 8.90
C PHE A 131 -16.16 38.42 9.55
N THR A 132 -15.88 37.39 8.74
CA THR A 132 -15.39 36.14 9.32
C THR A 132 -14.03 36.30 9.98
N HIS A 133 -13.22 37.29 9.54
CA HIS A 133 -11.89 37.42 10.12
C HIS A 133 -11.93 37.95 11.55
N LYS A 134 -12.77 38.96 11.80
CA LYS A 134 -12.84 39.55 13.12
C LYS A 134 -13.71 38.74 14.09
N ASN A 135 -14.49 37.79 13.59
CA ASN A 135 -15.30 36.91 14.43
C ASN A 135 -14.72 35.51 14.53
N HIS A 136 -13.52 35.28 14.00
CA HIS A 136 -12.79 34.02 14.15
C HIS A 136 -13.61 32.86 13.59
N ILE A 137 -13.89 32.95 12.29
CA ILE A 137 -14.55 31.89 11.54
C ILE A 137 -13.65 31.52 10.38
N ALA A 138 -13.44 30.22 10.17
CA ALA A 138 -12.59 29.77 9.09
C ALA A 138 -13.23 30.07 7.74
N TYR A 139 -12.43 30.59 6.81
CA TYR A 139 -12.90 31.04 5.51
C TYR A 139 -12.07 30.38 4.44
N ILE A 140 -12.73 29.70 3.50
CA ILE A 140 -12.06 29.09 2.36
C ILE A 140 -12.76 29.58 1.11
N ALA A 141 -11.98 30.00 0.11
CA ALA A 141 -12.52 30.47 -1.16
C ALA A 141 -11.84 29.70 -2.28
N ALA A 142 -12.63 29.06 -3.13
CA ALA A 142 -12.09 28.25 -4.21
C ALA A 142 -12.63 28.73 -5.56
N ASP A 143 -11.84 28.48 -6.61
CA ASP A 143 -12.20 28.92 -7.95
C ASP A 143 -11.61 27.96 -8.96
N SER A 144 -12.36 27.71 -10.04
CA SER A 144 -11.97 26.75 -11.08
C SER A 144 -12.34 27.35 -12.43
N ARG A 145 -11.33 27.74 -13.20
CA ARG A 145 -11.52 28.39 -14.50
C ARG A 145 -10.79 27.57 -15.56
N GLY A 146 -11.53 26.74 -16.28
CA GLY A 146 -10.92 25.93 -17.32
C GLY A 146 -9.91 24.97 -16.73
N LEU A 147 -8.67 25.04 -17.22
CA LEU A 147 -7.58 24.23 -16.71
C LEU A 147 -6.78 24.96 -15.63
N PHE A 148 -7.39 25.92 -14.94
CA PHE A 148 -6.74 26.68 -13.88
C PHE A 148 -7.58 26.59 -12.62
N GLY A 149 -6.92 26.65 -11.47
CA GLY A 149 -7.60 26.55 -10.19
C GLY A 149 -6.92 27.39 -9.14
N SER A 150 -7.69 27.82 -8.15
CA SER A 150 -7.14 28.62 -7.06
C SER A 150 -7.88 28.27 -5.77
N ILE A 151 -7.12 28.27 -4.67
CA ILE A 151 -7.66 28.09 -3.33
C ILE A 151 -7.07 29.13 -2.42
N PHE A 152 -7.87 29.64 -1.47
CA PHE A 152 -7.42 30.58 -0.47
C PHE A 152 -8.00 30.19 0.88
N CYS A 153 -7.14 30.12 1.90
CA CYS A 153 -7.52 29.74 3.25
C CYS A 153 -7.20 30.86 4.22
N ASP A 154 -8.12 31.10 5.17
CA ASP A 154 -7.93 32.10 6.21
C ASP A 154 -8.62 31.58 7.46
N PHE A 155 -7.85 31.01 8.38
CA PHE A 155 -8.39 30.37 9.57
C PHE A 155 -8.34 31.26 10.81
N GLY A 156 -7.88 32.50 10.68
CA GLY A 156 -7.82 33.43 11.79
C GLY A 156 -6.40 33.73 12.22
N GLU A 157 -6.28 34.78 13.04
CA GLU A 157 -4.97 35.26 13.45
C GLU A 157 -4.31 34.37 14.49
N ASN A 158 -5.08 33.54 15.20
CA ASN A 158 -4.56 32.73 16.30
C ASN A 158 -4.97 31.28 16.15
N PHE A 159 -4.81 30.73 14.94
CA PHE A 159 -5.17 29.34 14.73
C PHE A 159 -4.19 28.44 15.48
N ILE A 160 -4.70 27.39 16.09
CA ILE A 160 -3.89 26.45 16.86
C ILE A 160 -3.93 25.10 16.16
N CYS A 161 -2.75 24.59 15.79
CA CYS A 161 -2.61 23.32 15.11
C CYS A 161 -1.97 22.33 16.08
N THR A 162 -2.69 21.25 16.38
CA THR A 162 -2.20 20.26 17.34
C THR A 162 -1.31 19.22 16.69
N ASP A 163 -1.69 18.72 15.52
CA ASP A 163 -0.88 17.80 14.74
C ASP A 163 -0.49 18.49 13.44
N THR A 164 0.81 18.49 13.14
CA THR A 164 1.34 19.26 12.02
C THR A 164 1.60 18.42 10.78
N ASP A 165 2.10 17.20 10.93
CA ASP A 165 2.41 16.34 9.79
C ASP A 165 1.55 15.09 9.71
N GLY A 166 0.81 14.74 10.76
CA GLY A 166 -0.06 13.60 10.73
C GLY A 166 0.62 12.26 10.96
N ASN A 167 1.92 12.25 11.24
CA ASN A 167 2.63 11.01 11.49
C ASN A 167 2.41 10.56 12.93
N GLU A 168 2.56 9.25 13.13
CA GLU A 168 2.52 8.71 14.48
C GLU A 168 3.78 9.16 15.24
N PRO A 169 3.67 9.37 16.56
CA PRO A 169 4.86 9.74 17.32
C PRO A 169 5.95 8.69 17.23
N LEU A 170 7.19 9.15 17.18
CA LEU A 170 8.33 8.25 17.07
C LEU A 170 8.70 7.70 18.44
N THR A 171 9.13 6.43 18.46
CA THR A 171 9.56 5.79 19.70
C THR A 171 10.69 4.84 19.37
N GLY A 172 11.49 4.53 20.38
CA GLY A 172 12.64 3.67 20.17
C GLY A 172 13.31 3.27 21.46
N MET A 173 14.05 2.16 21.38
CA MET A 173 14.77 1.62 22.52
C MET A 173 16.18 2.17 22.59
N ILE A 174 16.61 2.51 23.81
CA ILE A 174 17.90 3.14 24.06
C ILE A 174 18.89 2.07 24.54
N ALA A 175 20.15 2.24 24.15
CA ALA A 175 21.23 1.40 24.64
C ALA A 175 21.99 2.02 25.81
N SER A 176 22.29 3.32 25.72
CA SER A 176 23.03 3.99 26.78
C SER A 176 22.80 5.49 26.68
N ILE A 177 22.89 6.15 27.83
CA ILE A 177 22.83 7.61 27.93
C ILE A 177 24.01 8.05 28.76
N THR A 178 24.90 8.85 28.17
CA THR A 178 26.09 9.30 28.87
C THR A 178 25.75 10.43 29.83
N ASP A 179 26.78 10.98 30.47
CA ASP A 179 26.57 12.03 31.45
C ASP A 179 26.20 13.36 30.80
N ASP A 180 26.52 13.56 29.53
CA ASP A 180 26.23 14.80 28.82
C ASP A 180 25.00 14.68 27.93
N GLY A 181 24.11 13.74 28.20
CA GLY A 181 22.87 13.64 27.48
C GLY A 181 22.95 12.99 26.12
N VAL A 182 24.09 12.40 25.77
CA VAL A 182 24.25 11.74 24.47
C VAL A 182 23.50 10.42 24.52
N VAL A 183 22.30 10.39 23.97
CA VAL A 183 21.49 9.18 23.91
C VAL A 183 21.89 8.39 22.67
N THR A 184 22.09 7.08 22.84
CA THR A 184 22.48 6.18 21.78
C THR A 184 21.43 5.10 21.62
N MET A 185 21.09 4.79 20.37
CA MET A 185 20.09 3.77 20.09
C MET A 185 20.72 2.38 20.20
N LEU A 186 19.89 1.36 20.02
CA LEU A 186 20.38 -0.01 20.00
C LEU A 186 21.17 -0.26 18.73
N GLU A 187 21.63 -1.50 18.56
CA GLU A 187 22.46 -1.84 17.40
C GLU A 187 21.66 -1.64 16.12
N GLU A 188 22.20 -0.81 15.22
CA GLU A 188 21.63 -0.62 13.88
C GLU A 188 20.15 -0.24 13.95
N THR A 189 19.83 0.67 14.87
CA THR A 189 18.47 1.19 15.02
C THR A 189 18.50 2.70 14.87
N ARG A 190 17.58 3.23 14.07
CA ARG A 190 17.53 4.66 13.78
C ARG A 190 16.38 5.31 14.56
N HIS A 191 16.67 6.43 15.21
CA HIS A 191 15.63 7.12 15.96
C HIS A 191 14.67 7.86 15.03
N GLY A 192 15.19 8.46 13.96
CA GLY A 192 14.34 9.15 13.00
C GLY A 192 13.90 10.54 13.41
N LEU A 193 14.53 11.12 14.42
CA LEU A 193 14.15 12.44 14.92
C LEU A 193 14.79 13.54 14.06
N GLU A 194 14.30 14.75 14.27
CA GLU A 194 14.85 15.95 13.65
C GLU A 194 15.21 16.95 14.73
N ASN A 195 16.10 17.88 14.40
CA ASN A 195 16.49 18.90 15.36
C ASN A 195 15.26 19.66 15.84
N GLY A 196 15.19 19.88 17.15
CA GLY A 196 14.11 20.63 17.74
C GLY A 196 12.94 19.80 18.24
N ASP A 197 12.94 18.49 18.00
CA ASP A 197 11.86 17.65 18.48
C ASP A 197 11.98 17.45 19.99
N PHE A 198 10.89 17.01 20.60
CA PHE A 198 10.81 16.76 22.03
C PHE A 198 10.55 15.29 22.28
N VAL A 199 11.25 14.73 23.27
CA VAL A 199 11.13 13.32 23.61
C VAL A 199 10.98 13.19 25.12
N LYS A 200 10.40 12.07 25.53
CA LYS A 200 10.26 11.70 26.93
C LYS A 200 10.72 10.26 27.10
N PHE A 201 11.35 9.97 28.24
CA PHE A 201 11.97 8.68 28.49
C PHE A 201 11.21 7.92 29.57
N THR A 202 11.21 6.59 29.44
CA THR A 202 10.67 5.70 30.46
C THR A 202 11.55 4.47 30.57
N GLU A 203 11.52 3.85 31.75
CA GLU A 203 12.25 2.61 32.01
C GLU A 203 13.76 2.80 31.88
N VAL A 204 14.25 4.01 32.13
CA VAL A 204 15.68 4.29 32.08
C VAL A 204 16.30 3.90 33.42
N LYS A 205 17.20 2.92 33.40
CA LYS A 205 17.87 2.48 34.60
C LYS A 205 19.16 3.25 34.80
N GLY A 206 19.41 3.68 36.03
CA GLY A 206 20.55 4.49 36.37
C GLY A 206 20.29 5.98 36.33
N MET A 207 19.24 6.42 35.65
CA MET A 207 18.83 7.81 35.63
C MET A 207 17.31 7.88 35.81
N PRO A 208 16.82 7.64 37.03
CA PRO A 208 15.37 7.69 37.24
C PRO A 208 14.77 9.04 36.94
N GLY A 209 15.55 10.12 37.04
CA GLY A 209 15.01 11.45 36.80
C GLY A 209 14.40 11.60 35.42
N LEU A 210 15.03 10.99 34.40
CA LEU A 210 14.50 11.08 33.05
C LEU A 210 13.14 10.40 32.90
N ASN A 211 12.74 9.58 33.87
CA ASN A 211 11.49 8.84 33.78
C ASN A 211 10.30 9.63 34.31
N ASP A 212 10.50 10.89 34.72
CA ASP A 212 9.40 11.67 35.26
C ASP A 212 8.34 11.94 34.20
N GLY A 213 8.76 12.20 32.96
CA GLY A 213 7.86 12.48 31.87
C GLY A 213 7.92 13.90 31.33
N THR A 214 9.00 14.63 31.58
CA THR A 214 9.15 15.99 31.07
C THR A 214 9.77 15.95 29.67
N PRO A 215 9.14 16.56 28.67
CA PRO A 215 9.75 16.58 27.34
C PRO A 215 11.05 17.37 27.33
N ARG A 216 11.97 16.95 26.47
CA ARG A 216 13.30 17.55 26.37
C ARG A 216 13.66 17.77 24.91
N LYS A 217 14.41 18.85 24.67
CA LYS A 217 14.84 19.17 23.31
C LYS A 217 15.79 18.10 22.78
N VAL A 218 15.79 17.95 21.46
CA VAL A 218 16.61 16.95 20.78
C VAL A 218 17.56 17.67 19.84
N GLU A 219 18.85 17.30 19.91
CA GLU A 219 19.87 17.81 19.02
C GLU A 219 20.46 16.60 18.29
N VAL A 220 19.99 16.35 17.07
CA VAL A 220 20.39 15.16 16.34
C VAL A 220 21.86 15.27 15.97
N LYS A 221 22.63 14.22 16.27
CA LYS A 221 24.05 14.17 15.96
C LYS A 221 24.39 13.07 14.96
N GLY A 222 23.40 12.26 14.55
CA GLY A 222 23.63 11.19 13.61
C GLY A 222 22.41 10.30 13.52
N PRO A 223 22.42 9.37 12.55
CA PRO A 223 21.25 8.50 12.38
C PRO A 223 20.99 7.56 13.55
N TYR A 224 21.96 7.38 14.46
CA TYR A 224 21.81 6.45 15.57
C TYR A 224 21.89 7.09 16.95
N THR A 225 22.36 8.33 17.05
CA THR A 225 22.50 9.00 18.33
C THR A 225 21.88 10.39 18.26
N PHE A 226 21.48 10.90 19.42
CA PHE A 226 21.07 12.30 19.53
C PHE A 226 21.48 12.81 20.91
N SER A 227 21.12 14.05 21.20
CA SER A 227 21.49 14.68 22.46
C SER A 227 20.30 15.43 23.03
N ILE A 228 20.21 15.44 24.36
CA ILE A 228 19.10 16.08 25.06
C ILE A 228 19.54 17.20 25.99
N GLY A 229 20.85 17.40 26.17
CA GLY A 229 21.32 18.48 27.01
C GLY A 229 22.28 18.00 28.08
N SER A 230 22.09 18.46 29.32
CA SER A 230 22.91 18.08 30.45
C SER A 230 22.05 17.32 31.45
N VAL A 231 22.49 16.11 31.80
CA VAL A 231 21.79 15.29 32.79
C VAL A 231 22.76 14.99 33.93
N LYS A 232 23.66 15.94 34.21
CA LYS A 232 24.65 15.74 35.26
C LYS A 232 23.98 15.50 36.61
N ASP A 233 22.98 16.31 36.94
CA ASP A 233 22.34 16.21 38.25
C ASP A 233 21.57 14.90 38.39
N LEU A 234 20.91 14.46 37.32
CA LEU A 234 20.04 13.29 37.42
C LEU A 234 20.85 12.00 37.61
N GLY A 235 22.08 11.96 37.15
CA GLY A 235 22.89 10.77 37.31
C GLY A 235 24.14 10.85 36.46
N SER A 236 24.95 9.79 36.58
CA SER A 236 26.21 9.71 35.85
C SER A 236 26.06 8.99 34.52
N ALA A 237 25.29 7.91 34.48
CA ALA A 237 25.07 7.16 33.25
C ALA A 237 23.78 6.38 33.36
N GLY A 238 23.06 6.27 32.26
CA GLY A 238 21.81 5.53 32.22
C GLY A 238 21.88 4.41 31.21
N TYR A 239 21.18 3.31 31.51
CA TYR A 239 21.22 2.12 30.67
C TYR A 239 19.80 1.71 30.31
N ASN A 240 19.64 1.20 29.09
CA ASN A 240 18.35 0.70 28.63
C ASN A 240 17.28 1.78 28.73
N GLY A 241 16.03 1.42 28.51
CA GLY A 241 14.93 2.36 28.50
C GLY A 241 14.41 2.60 27.09
N VAL A 242 13.31 3.34 27.04
CA VAL A 242 12.66 3.67 25.78
C VAL A 242 12.37 5.17 25.76
N PHE A 243 12.31 5.74 24.56
CA PHE A 243 11.96 7.13 24.36
C PHE A 243 10.78 7.22 23.41
N THR A 244 9.94 8.23 23.65
CA THR A 244 8.74 8.48 22.86
C THR A 244 8.69 9.96 22.52
N GLN A 245 8.38 10.28 21.27
CA GLN A 245 8.32 11.67 20.85
C GLN A 245 7.07 12.34 21.37
N VAL A 246 7.20 13.62 21.70
CA VAL A 246 6.09 14.46 22.15
C VAL A 246 5.87 15.54 21.10
N LYS A 247 4.65 15.62 20.58
CA LYS A 247 4.30 16.58 19.54
C LYS A 247 3.60 17.77 20.18
N VAL A 248 4.13 18.96 19.95
CA VAL A 248 3.69 20.16 20.65
C VAL A 248 2.80 21.00 19.73
N PRO A 249 1.79 21.68 20.25
CA PRO A 249 0.95 22.52 19.39
C PRO A 249 1.72 23.71 18.83
N THR A 250 1.22 24.20 17.70
CA THR A 250 1.81 25.34 17.00
C THR A 250 0.75 26.40 16.81
N LYS A 251 1.18 27.66 16.79
CA LYS A 251 0.28 28.78 16.52
C LYS A 251 0.55 29.30 15.12
N ILE A 252 -0.49 29.32 14.29
CA ILE A 252 -0.42 29.77 12.91
C ILE A 252 -1.28 31.02 12.79
N SER A 253 -0.72 32.06 12.18
CA SER A 253 -1.38 33.35 12.03
C SER A 253 -1.65 33.60 10.56
N PHE A 254 -2.93 33.79 10.23
CA PHE A 254 -3.37 34.06 8.88
C PHE A 254 -3.67 35.54 8.71
N LYS A 255 -3.63 36.00 7.47
CA LYS A 255 -3.99 37.35 7.10
C LYS A 255 -5.34 37.35 6.39
N SER A 256 -6.06 38.46 6.48
CA SER A 256 -7.34 38.56 5.82
C SER A 256 -7.15 38.62 4.31
N LEU A 257 -8.25 38.39 3.58
CA LEU A 257 -8.18 38.46 2.13
C LEU A 257 -7.79 39.86 1.67
N ARG A 258 -8.31 40.88 2.34
CA ARG A 258 -7.99 42.25 1.95
C ARG A 258 -6.51 42.54 2.13
N GLU A 259 -5.92 42.08 3.24
CA GLU A 259 -4.49 42.24 3.45
C GLU A 259 -3.68 41.29 2.59
N SER A 260 -4.24 40.12 2.25
CA SER A 260 -3.51 39.11 1.51
C SER A 260 -3.48 39.37 0.01
N LEU A 261 -4.38 40.20 -0.51
CA LEU A 261 -4.32 40.53 -1.93
C LEU A 261 -3.05 41.29 -2.27
N LYS A 262 -2.64 42.22 -1.41
CA LYS A 262 -1.50 43.08 -1.72
C LYS A 262 -0.20 42.29 -1.68
N ASP A 263 0.00 41.49 -0.63
CA ASP A 263 1.23 40.72 -0.43
C ASP A 263 0.85 39.28 -0.13
N PRO A 264 0.55 38.49 -1.15
CA PRO A 264 0.14 37.10 -0.93
C PRO A 264 1.31 36.18 -0.58
N GLU A 265 0.98 35.09 0.09
CA GLU A 265 1.93 34.01 0.38
C GLU A 265 1.50 32.79 -0.41
N TYR A 266 2.39 32.30 -1.26
CA TYR A 266 2.05 31.27 -2.23
C TYR A 266 2.42 29.89 -1.73
N VAL A 267 1.61 28.91 -2.11
CA VAL A 267 1.94 27.50 -2.04
C VAL A 267 2.18 27.02 -3.45
N TYR A 268 3.32 26.36 -3.68
CA TYR A 268 3.71 25.99 -5.03
C TYR A 268 3.41 24.51 -5.27
N PRO A 269 2.43 24.18 -6.13
CA PRO A 269 2.20 22.76 -6.42
C PRO A 269 3.29 22.13 -7.27
N ASP A 270 4.02 22.92 -8.06
CA ASP A 270 5.10 22.42 -8.88
C ASP A 270 6.27 23.39 -8.79
N PHE A 271 7.46 22.86 -8.50
CA PHE A 271 8.66 23.68 -8.48
C PHE A 271 9.27 23.88 -9.87
N GLY A 272 8.74 23.19 -10.89
CA GLY A 272 9.22 23.42 -12.24
C GLY A 272 8.75 24.74 -12.83
N LYS A 273 7.65 25.28 -12.30
CA LYS A 273 7.08 26.55 -12.77
C LYS A 273 6.78 27.39 -11.53
N MET A 274 7.80 28.10 -11.05
CA MET A 274 7.68 28.93 -9.85
C MET A 274 7.37 30.38 -10.16
N MET A 275 7.34 30.77 -11.43
CA MET A 275 7.04 32.13 -11.83
C MET A 275 5.57 32.36 -12.14
N ARG A 276 4.76 31.30 -12.15
CA ARG A 276 3.38 31.37 -12.60
C ARG A 276 2.41 31.88 -11.54
N PRO A 277 2.50 31.44 -10.28
CA PRO A 277 1.51 31.83 -9.28
C PRO A 277 1.38 33.35 -9.18
N PRO A 278 2.49 34.10 -9.26
CA PRO A 278 2.33 35.56 -9.34
C PRO A 278 1.53 36.01 -10.54
N GLN A 279 1.60 35.29 -11.66
CA GLN A 279 0.78 35.63 -12.82
C GLN A 279 -0.68 35.33 -12.56
N TYR A 280 -0.98 34.16 -11.99
CA TYR A 280 -2.36 33.78 -11.72
C TYR A 280 -3.00 34.70 -10.70
N HIS A 281 -2.22 35.21 -9.75
CA HIS A 281 -2.76 36.14 -8.76
C HIS A 281 -3.36 37.35 -9.45
N ILE A 282 -2.65 37.91 -10.42
CA ILE A 282 -3.17 39.05 -11.18
C ILE A 282 -4.32 38.61 -12.09
N ALA A 283 -4.19 37.44 -12.70
CA ALA A 283 -5.17 37.02 -13.70
C ALA A 283 -6.54 36.80 -13.10
N PHE A 284 -6.62 36.18 -11.92
CA PHE A 284 -7.93 35.91 -11.33
C PHE A 284 -8.60 37.20 -10.88
N GLN A 285 -7.84 38.15 -10.34
CA GLN A 285 -8.40 39.46 -10.01
C GLN A 285 -8.88 40.17 -11.26
N ALA A 286 -8.13 40.06 -12.36
CA ALA A 286 -8.59 40.66 -13.61
C ALA A 286 -9.88 40.00 -14.09
N LEU A 287 -10.01 38.69 -13.89
CA LEU A 287 -11.26 38.01 -14.23
C LEU A 287 -12.41 38.59 -13.43
N SER A 288 -12.20 38.80 -12.13
CA SER A 288 -13.26 39.39 -11.32
C SER A 288 -13.63 40.78 -11.79
N ALA A 289 -12.62 41.60 -12.12
CA ALA A 289 -12.90 42.94 -12.61
C ALA A 289 -13.66 42.91 -13.93
N PHE A 290 -13.26 42.01 -14.84
CA PHE A 290 -13.94 41.87 -16.12
C PHE A 290 -15.40 41.48 -15.91
N ALA A 291 -15.66 40.52 -15.02
CA ALA A 291 -17.03 40.12 -14.74
C ALA A 291 -17.82 41.29 -14.16
N ASP A 292 -17.22 42.05 -13.26
CA ASP A 292 -17.92 43.20 -12.69
C ASP A 292 -18.21 44.26 -13.73
N ALA A 293 -17.38 44.37 -14.75
CA ALA A 293 -17.57 45.37 -15.80
C ALA A 293 -18.49 44.90 -16.94
N HIS A 294 -18.97 43.66 -16.89
CA HIS A 294 -19.80 43.11 -17.96
C HIS A 294 -21.00 42.36 -17.38
N GLU A 295 -21.58 42.90 -16.31
CA GLU A 295 -22.77 42.31 -15.69
C GLU A 295 -22.54 40.85 -15.32
N GLY A 296 -21.37 40.56 -14.76
CA GLY A 296 -21.09 39.22 -14.30
C GLY A 296 -20.87 38.20 -15.39
N SER A 297 -20.45 38.63 -16.58
CA SER A 297 -20.19 37.73 -17.69
C SER A 297 -18.69 37.56 -17.87
N LEU A 298 -18.26 36.31 -17.94
CA LEU A 298 -16.85 36.00 -18.17
C LEU A 298 -16.51 36.12 -19.66
N PRO A 299 -15.23 36.21 -19.99
CA PRO A 299 -14.84 36.29 -21.40
C PRO A 299 -15.33 35.08 -22.20
N ARG A 300 -15.75 35.34 -23.43
CA ARG A 300 -16.25 34.27 -24.28
C ARG A 300 -15.10 33.35 -24.71
N PRO A 301 -15.39 32.09 -25.01
CA PRO A 301 -14.30 31.15 -25.31
C PRO A 301 -13.54 31.54 -26.57
N ARG A 302 -12.22 31.60 -26.44
CA ARG A 302 -11.32 31.84 -27.57
C ARG A 302 -11.68 33.13 -28.32
N ASN A 303 -12.03 34.17 -27.58
CA ASN A 303 -12.39 35.46 -28.16
C ASN A 303 -11.22 36.42 -27.97
N ASP A 304 -10.74 37.00 -29.07
CA ASP A 304 -9.56 37.86 -29.02
C ASP A 304 -9.88 39.25 -28.46
N ILE A 305 -11.07 39.78 -28.73
CA ILE A 305 -11.44 41.08 -28.19
C ILE A 305 -11.53 41.01 -26.67
N ASP A 306 -12.20 39.97 -26.17
CA ASP A 306 -12.30 39.79 -24.72
C ASP A 306 -10.93 39.55 -24.11
N ALA A 307 -10.06 38.82 -24.82
CA ALA A 307 -8.71 38.60 -24.31
C ALA A 307 -7.94 39.91 -24.21
N ALA A 308 -8.07 40.78 -25.21
CA ALA A 308 -7.38 42.07 -25.16
C ALA A 308 -7.88 42.91 -24.00
N GLU A 309 -9.21 42.96 -23.81
CA GLU A 309 -9.75 43.73 -22.70
C GLU A 309 -9.30 43.15 -21.36
N PHE A 310 -9.27 41.82 -21.26
CA PHE A 310 -8.83 41.15 -20.04
C PHE A 310 -7.36 41.46 -19.76
N PHE A 311 -6.53 41.51 -20.80
CA PHE A 311 -5.12 41.84 -20.59
C PHE A 311 -4.95 43.30 -20.19
N GLU A 312 -5.79 44.19 -20.69
CA GLU A 312 -5.77 45.56 -20.21
C GLU A 312 -6.12 45.62 -18.73
N PHE A 313 -7.12 44.85 -18.31
CA PHE A 313 -7.44 44.78 -16.89
C PHE A 313 -6.27 44.23 -16.08
N CYS A 314 -5.58 43.22 -16.62
CA CYS A 314 -4.43 42.66 -15.93
C CYS A 314 -3.33 43.70 -15.76
N LYS A 315 -3.05 44.48 -16.80
CA LYS A 315 -2.06 45.55 -16.69
C LYS A 315 -2.47 46.56 -15.63
N LYS A 316 -3.75 46.95 -15.63
CA LYS A 316 -4.21 47.93 -14.65
C LYS A 316 -4.04 47.40 -13.22
N ILE A 317 -4.41 46.14 -12.99
CA ILE A 317 -4.31 45.56 -11.66
C ILE A 317 -2.85 45.43 -11.25
N ALA A 318 -1.98 44.98 -12.15
CA ALA A 318 -0.58 44.85 -11.81
C ALA A 318 0.05 46.19 -11.47
N SER A 319 -0.35 47.25 -12.19
CA SER A 319 0.12 48.58 -11.85
C SER A 319 -0.39 49.02 -10.48
N THR A 320 -1.67 48.77 -10.20
CA THR A 320 -2.26 49.24 -8.94
C THR A 320 -1.62 48.55 -7.75
N LEU A 321 -1.41 47.24 -7.83
CA LEU A 321 -0.85 46.49 -6.71
C LEU A 321 0.65 46.63 -6.58
N GLN A 322 1.29 47.47 -7.39
CA GLN A 322 2.73 47.68 -7.33
C GLN A 322 3.47 46.35 -7.51
N PHE A 323 2.92 45.49 -8.35
CA PHE A 323 3.51 44.18 -8.62
C PHE A 323 4.69 44.34 -9.57
N ASP A 324 5.87 43.92 -9.14
CA ASP A 324 7.09 44.01 -9.96
C ASP A 324 7.31 42.73 -10.74
N VAL A 325 6.29 42.31 -11.49
CA VAL A 325 6.32 41.07 -12.27
C VAL A 325 6.01 41.42 -13.72
N GLU A 326 6.80 40.88 -14.65
CA GLU A 326 6.51 41.06 -16.06
C GLU A 326 5.47 40.04 -16.50
N LEU A 327 4.36 40.53 -17.04
CA LEU A 327 3.23 39.66 -17.35
C LEU A 327 3.52 38.84 -18.59
N ASP A 328 3.27 37.53 -18.50
CA ASP A 328 3.40 36.63 -19.64
C ASP A 328 2.09 36.67 -20.42
N GLU A 329 2.12 37.32 -21.60
CA GLU A 329 0.89 37.58 -22.33
C GLU A 329 0.20 36.28 -22.74
N LYS A 330 0.97 35.29 -23.21
CA LYS A 330 0.37 34.05 -23.69
C LYS A 330 -0.39 33.34 -22.58
N LEU A 331 0.23 33.20 -21.41
CA LEU A 331 -0.40 32.49 -20.31
C LEU A 331 -1.65 33.22 -19.82
N ILE A 332 -1.56 34.55 -19.70
CA ILE A 332 -2.70 35.32 -19.23
C ILE A 332 -3.86 35.24 -20.22
N LYS A 333 -3.57 35.35 -21.51
CA LYS A 333 -4.64 35.22 -22.49
C LYS A 333 -5.19 33.80 -22.53
N GLU A 334 -4.38 32.80 -22.21
CA GLU A 334 -4.90 31.45 -22.06
C GLU A 334 -5.90 31.38 -20.92
N ILE A 335 -5.59 32.05 -19.81
CA ILE A 335 -6.55 32.13 -18.71
C ILE A 335 -7.83 32.80 -19.17
N SER A 336 -7.70 33.82 -20.02
CA SER A 336 -8.88 34.49 -20.56
C SER A 336 -9.72 33.56 -21.42
N TYR A 337 -9.07 32.76 -22.27
CA TYR A 337 -9.79 31.92 -23.23
C TYR A 337 -10.63 30.88 -22.53
N GLN A 338 -10.11 30.26 -21.47
CA GLN A 338 -10.77 29.15 -20.79
C GLN A 338 -11.54 29.60 -19.55
N ALA A 339 -12.00 30.85 -19.54
CA ALA A 339 -12.69 31.36 -18.36
C ALA A 339 -13.99 30.60 -18.10
N ARG A 340 -14.72 30.27 -19.15
CA ARG A 340 -16.01 29.60 -19.05
C ARG A 340 -15.89 28.08 -19.01
N GLY A 341 -14.68 27.55 -18.93
CA GLY A 341 -14.52 26.11 -18.85
C GLY A 341 -14.92 25.58 -17.49
N ASP A 342 -15.52 24.38 -17.51
CA ASP A 342 -16.01 23.71 -16.30
C ASP A 342 -15.72 22.22 -16.46
N LEU A 343 -14.56 21.80 -15.96
CA LEU A 343 -14.08 20.43 -16.14
C LEU A 343 -14.30 19.65 -14.85
N VAL A 344 -14.82 18.43 -14.98
CA VAL A 344 -15.10 17.62 -13.81
C VAL A 344 -13.80 17.17 -13.13
N ALA A 345 -12.72 17.06 -13.89
CA ALA A 345 -11.44 16.64 -13.30
C ALA A 345 -10.87 17.74 -12.41
N MET A 346 -10.87 18.98 -12.89
CA MET A 346 -10.43 20.10 -12.07
C MET A 346 -11.34 20.27 -10.86
N SER A 347 -12.65 20.09 -11.06
CA SER A 347 -13.58 20.19 -9.95
C SER A 347 -13.29 19.14 -8.89
N ALA A 348 -13.02 17.89 -9.31
CA ALA A 348 -12.72 16.83 -8.35
C ALA A 348 -11.43 17.12 -7.59
N PHE A 349 -10.38 17.51 -8.32
CA PHE A 349 -9.11 17.81 -7.69
C PHE A 349 -9.25 18.91 -6.64
N LEU A 350 -9.82 20.05 -7.05
CA LEU A 350 -9.96 21.17 -6.13
C LEU A 350 -10.94 20.88 -5.02
N GLY A 351 -12.00 20.11 -5.29
CA GLY A 351 -12.94 19.78 -4.24
C GLY A 351 -12.34 18.88 -3.18
N GLY A 352 -11.52 17.91 -3.58
CA GLY A 352 -10.80 17.12 -2.60
C GLY A 352 -9.89 17.98 -1.75
N ALA A 353 -9.12 18.86 -2.39
CA ALA A 353 -8.22 19.72 -1.63
C ALA A 353 -8.99 20.61 -0.66
N VAL A 354 -10.07 21.23 -1.13
CA VAL A 354 -10.82 22.16 -0.30
C VAL A 354 -11.54 21.44 0.83
N ALA A 355 -12.05 20.23 0.58
CA ALA A 355 -12.69 19.47 1.63
C ALA A 355 -11.68 19.09 2.72
N GLN A 356 -10.47 18.72 2.32
CA GLN A 356 -9.44 18.47 3.32
C GLN A 356 -9.14 19.72 4.13
N GLU A 357 -9.11 20.88 3.48
CA GLU A 357 -8.91 22.13 4.21
C GLU A 357 -10.05 22.39 5.19
N VAL A 358 -11.28 22.07 4.79
CA VAL A 358 -12.42 22.25 5.70
C VAL A 358 -12.26 21.35 6.92
N LEU A 359 -11.83 20.11 6.71
CA LEU A 359 -11.62 19.22 7.84
C LEU A 359 -10.50 19.74 8.75
N LYS A 360 -9.44 20.28 8.16
CA LYS A 360 -8.39 20.89 8.97
C LYS A 360 -8.95 22.03 9.81
N ALA A 361 -9.80 22.86 9.21
CA ALA A 361 -10.39 23.97 9.96
C ALA A 361 -11.24 23.48 11.12
N THR A 362 -12.02 22.43 10.90
CA THR A 362 -12.96 21.98 11.93
C THR A 362 -12.32 21.06 12.97
N THR A 363 -11.13 20.51 12.70
CA THR A 363 -10.49 19.60 13.65
C THR A 363 -9.17 20.12 14.21
N SER A 364 -8.59 21.18 13.66
CA SER A 364 -7.30 21.70 14.11
C SER A 364 -6.22 20.62 14.03
N LYS A 365 -6.22 19.88 12.93
CA LYS A 365 -5.27 18.81 12.70
C LYS A 365 -4.69 18.96 11.30
N PHE A 366 -3.43 18.54 11.14
CA PHE A 366 -2.71 18.69 9.88
C PHE A 366 -2.44 20.17 9.61
N TYR A 367 -1.42 20.45 8.78
CA TYR A 367 -0.98 21.82 8.52
C TYR A 367 -1.77 22.42 7.36
N PRO A 368 -2.41 23.57 7.54
CA PRO A 368 -3.24 24.13 6.46
C PRO A 368 -2.41 24.88 5.42
N LEU A 369 -3.05 25.15 4.29
CA LEU A 369 -2.42 25.94 3.23
C LEU A 369 -2.26 27.39 3.68
N LYS A 370 -1.12 27.99 3.32
CA LYS A 370 -0.78 29.35 3.73
C LYS A 370 -0.21 30.09 2.54
N GLN A 371 -1.04 30.84 1.82
CA GLN A 371 -2.50 30.94 1.91
C GLN A 371 -3.12 30.77 0.54
N TYR A 372 -2.36 31.12 -0.50
CA TYR A 372 -2.82 31.04 -1.87
C TYR A 372 -2.24 29.80 -2.52
N PHE A 373 -3.10 29.03 -3.19
CA PHE A 373 -2.69 27.82 -3.90
C PHE A 373 -3.22 27.95 -5.32
N TYR A 374 -2.34 28.28 -6.26
CA TYR A 374 -2.70 28.43 -7.67
C TYR A 374 -2.14 27.24 -8.44
N PHE A 375 -2.99 26.61 -9.23
CA PHE A 375 -2.65 25.38 -9.93
C PHE A 375 -3.09 25.50 -11.39
N ASP A 376 -2.36 24.83 -12.27
CA ASP A 376 -2.75 24.74 -13.66
C ASP A 376 -2.36 23.38 -14.22
N SER A 377 -3.16 22.91 -15.18
CA SER A 377 -2.85 21.69 -15.91
C SER A 377 -2.85 22.00 -17.40
N LEU A 378 -2.19 23.10 -17.78
CA LEU A 378 -2.24 23.59 -19.15
C LEU A 378 -1.59 22.63 -20.14
N GLU A 379 -0.82 21.66 -19.67
CA GLU A 379 -0.24 20.67 -20.57
C GLU A 379 -1.29 19.71 -21.11
N SER A 380 -2.52 19.75 -20.60
CA SER A 380 -3.60 18.89 -21.05
C SER A 380 -4.37 19.46 -22.23
N LEU A 381 -4.02 20.66 -22.69
CA LEU A 381 -4.74 21.27 -23.80
C LEU A 381 -4.42 20.51 -25.09
N PRO A 382 -5.42 20.03 -25.82
CA PRO A 382 -5.12 19.23 -27.02
C PRO A 382 -4.39 20.05 -28.08
N SER A 383 -3.55 19.36 -28.86
CA SER A 383 -2.86 19.95 -29.99
C SER A 383 -3.09 19.23 -31.30
N SER A 384 -3.77 18.08 -31.29
CA SER A 384 -4.06 17.33 -32.50
C SER A 384 -5.38 17.73 -33.15
N VAL A 385 -6.10 18.68 -32.56
CA VAL A 385 -7.38 19.14 -33.07
C VAL A 385 -7.35 20.65 -33.17
N THR A 386 -8.37 21.21 -33.79
CA THR A 386 -8.51 22.65 -33.93
C THR A 386 -9.25 23.20 -32.73
N ILE A 387 -8.63 24.16 -32.03
CA ILE A 387 -9.22 24.82 -30.88
C ILE A 387 -9.30 26.30 -31.25
N SER A 388 -10.49 26.77 -31.61
CA SER A 388 -10.70 28.14 -32.04
C SER A 388 -12.05 28.62 -31.53
N GLU A 389 -12.40 29.85 -31.89
CA GLU A 389 -13.67 30.40 -31.46
C GLU A 389 -14.85 29.67 -32.09
N GLU A 390 -14.67 29.12 -33.29
CA GLU A 390 -15.75 28.43 -33.97
C GLU A 390 -16.02 27.06 -33.36
N THR A 391 -14.97 26.32 -33.01
CA THR A 391 -15.14 24.98 -32.46
C THR A 391 -15.46 24.98 -30.98
N CYS A 392 -15.11 26.04 -30.25
CA CYS A 392 -15.32 26.11 -28.81
C CYS A 392 -16.59 26.83 -28.42
N LYS A 393 -17.41 27.26 -29.37
CA LYS A 393 -18.64 27.94 -29.03
C LYS A 393 -19.67 26.94 -28.50
N PRO A 394 -20.55 27.37 -27.59
CA PRO A 394 -21.52 26.44 -27.01
C PRO A 394 -22.50 25.92 -28.04
N ARG A 395 -22.92 24.67 -27.84
CA ARG A 395 -23.90 24.01 -28.70
C ARG A 395 -25.23 23.77 -27.99
N GLY A 396 -25.39 24.31 -26.78
CA GLY A 396 -26.62 24.07 -26.02
C GLY A 396 -26.77 22.63 -25.57
N CYS A 397 -25.68 22.01 -25.12
CA CYS A 397 -25.69 20.65 -24.64
C CYS A 397 -25.06 20.60 -23.25
N ARG A 398 -25.11 19.42 -22.62
CA ARG A 398 -24.56 19.28 -21.28
C ARG A 398 -23.04 19.29 -21.24
N TYR A 399 -22.38 19.25 -22.40
CA TYR A 399 -20.92 19.27 -22.46
C TYR A 399 -20.37 20.64 -22.83
N ASP A 400 -21.18 21.69 -22.67
CA ASP A 400 -20.73 23.03 -23.06
C ASP A 400 -19.52 23.46 -22.24
N GLY A 401 -19.52 23.16 -20.94
CA GLY A 401 -18.41 23.55 -20.09
C GLY A 401 -17.09 22.91 -20.49
N GLN A 402 -17.14 21.75 -21.15
CA GLN A 402 -15.95 21.07 -21.63
C GLN A 402 -15.61 21.45 -23.06
N ILE A 403 -16.64 21.67 -23.90
CA ILE A 403 -16.41 22.14 -25.25
C ILE A 403 -15.79 23.52 -25.24
N ALA A 404 -16.08 24.32 -24.21
CA ALA A 404 -15.51 25.66 -24.11
C ALA A 404 -14.00 25.62 -23.91
N VAL A 405 -13.44 24.47 -23.56
CA VAL A 405 -12.01 24.30 -23.36
C VAL A 405 -11.38 23.49 -24.48
N PHE A 406 -11.99 22.35 -24.83
CA PHE A 406 -11.38 21.39 -25.74
C PHE A 406 -11.91 21.47 -27.16
N GLY A 407 -13.18 21.81 -27.35
CA GLY A 407 -13.77 21.88 -28.67
C GLY A 407 -14.65 20.69 -28.98
N SER A 408 -15.37 20.79 -30.09
CA SER A 408 -16.30 19.74 -30.49
C SER A 408 -15.59 18.52 -31.09
N GLU A 409 -14.50 18.74 -31.82
CA GLU A 409 -13.77 17.61 -32.40
C GLU A 409 -13.17 16.73 -31.31
N PHE A 410 -12.62 17.35 -30.27
CA PHE A 410 -12.11 16.56 -29.15
C PHE A 410 -13.25 15.86 -28.41
N GLN A 411 -14.45 16.46 -28.39
CA GLN A 411 -15.59 15.77 -27.81
C GLN A 411 -15.95 14.53 -28.62
N GLU A 412 -15.87 14.63 -29.95
CA GLU A 412 -16.08 13.45 -30.79
C GLU A 412 -15.02 12.39 -30.53
N LYS A 413 -13.78 12.82 -30.31
CA LYS A 413 -12.72 11.87 -29.96
C LYS A 413 -13.01 11.18 -28.62
N ILE A 414 -13.49 11.94 -27.64
CA ILE A 414 -13.77 11.38 -26.32
C ILE A 414 -14.93 10.40 -26.39
N ALA A 415 -15.96 10.72 -27.16
CA ALA A 415 -17.15 9.88 -27.21
C ALA A 415 -16.89 8.53 -27.87
N SER A 416 -15.74 8.34 -28.50
CA SER A 416 -15.42 7.09 -29.18
C SER A 416 -14.45 6.22 -28.39
N LEU A 417 -14.19 6.55 -27.13
CA LEU A 417 -13.25 5.77 -26.34
C LEU A 417 -13.82 4.41 -25.98
N SER A 418 -12.94 3.42 -25.89
CA SER A 418 -13.26 2.07 -25.46
C SER A 418 -12.31 1.75 -24.31
N THR A 419 -12.71 2.10 -23.08
CA THR A 419 -11.86 2.00 -21.92
C THR A 419 -12.11 0.69 -21.17
N PHE A 420 -11.16 0.33 -20.32
CA PHE A 420 -11.30 -0.85 -19.47
C PHE A 420 -10.86 -0.47 -18.05
N LEU A 421 -11.79 -0.54 -17.10
CA LEU A 421 -11.55 -0.15 -15.73
C LEU A 421 -11.46 -1.40 -14.86
N VAL A 422 -10.32 -1.56 -14.18
CA VAL A 422 -10.08 -2.74 -13.34
C VAL A 422 -10.24 -2.28 -11.89
N GLY A 423 -11.27 -2.79 -11.21
CA GLY A 423 -11.58 -2.37 -9.87
C GLY A 423 -12.77 -1.43 -9.85
N ALA A 424 -13.62 -1.54 -8.83
CA ALA A 424 -14.80 -0.69 -8.69
C ALA A 424 -14.97 -0.24 -7.26
N GLY A 425 -13.88 0.16 -6.61
CA GLY A 425 -13.94 0.60 -5.23
C GLY A 425 -14.17 2.10 -5.13
N ALA A 426 -13.31 2.79 -4.38
CA ALA A 426 -13.43 4.24 -4.25
C ALA A 426 -12.91 4.95 -5.49
N ILE A 427 -11.67 4.67 -5.86
CA ILE A 427 -11.10 5.26 -7.07
C ILE A 427 -11.90 4.84 -8.28
N GLY A 428 -12.40 3.60 -8.31
CA GLY A 428 -13.22 3.17 -9.43
C GLY A 428 -14.51 3.93 -9.54
N CYS A 429 -15.19 4.16 -8.41
CA CYS A 429 -16.43 4.94 -8.43
C CYS A 429 -16.17 6.37 -8.89
N GLU A 430 -15.11 6.99 -8.37
CA GLU A 430 -14.78 8.35 -8.81
C GLU A 430 -14.46 8.39 -10.29
N MET A 431 -13.72 7.40 -10.78
CA MET A 431 -13.35 7.36 -12.19
C MET A 431 -14.58 7.19 -13.06
N LEU A 432 -15.50 6.32 -12.67
CA LEU A 432 -16.73 6.13 -13.43
C LEU A 432 -17.56 7.41 -13.47
N LYS A 433 -17.66 8.11 -12.33
CA LYS A 433 -18.38 9.37 -12.30
C LYS A 433 -17.73 10.40 -13.22
N ASN A 434 -16.40 10.49 -13.19
CA ASN A 434 -15.71 11.45 -14.04
C ASN A 434 -15.91 11.11 -15.52
N TRP A 435 -15.86 9.83 -15.87
CA TRP A 435 -16.10 9.43 -17.25
C TRP A 435 -17.52 9.77 -17.68
N ALA A 436 -18.49 9.53 -16.80
CA ALA A 436 -19.88 9.86 -17.13
C ALA A 436 -20.05 11.35 -17.37
N MET A 437 -19.44 12.18 -16.52
CA MET A 437 -19.57 13.63 -16.69
C MET A 437 -18.84 14.10 -17.95
N MET A 438 -17.66 13.53 -18.24
CA MET A 438 -16.90 13.94 -19.41
C MET A 438 -17.56 13.51 -20.71
N GLY A 439 -18.48 12.56 -20.67
CA GLY A 439 -19.09 12.04 -21.88
C GLY A 439 -18.32 10.91 -22.53
N VAL A 440 -17.49 10.20 -21.78
CA VAL A 440 -16.68 9.12 -22.34
C VAL A 440 -17.58 7.99 -22.81
N ALA A 441 -17.32 7.50 -24.02
CA ALA A 441 -17.97 6.30 -24.54
C ALA A 441 -19.49 6.48 -24.65
N THR A 442 -19.92 7.66 -25.11
CA THR A 442 -21.32 7.90 -25.42
C THR A 442 -21.58 7.92 -26.92
N GLY A 443 -20.57 7.60 -27.75
CA GLY A 443 -20.75 7.57 -29.18
C GLY A 443 -21.09 6.19 -29.70
N GLU A 444 -21.23 6.10 -31.02
CA GLU A 444 -21.64 4.84 -31.63
C GLU A 444 -20.58 3.77 -31.48
N SER A 445 -19.31 4.14 -31.36
CA SER A 445 -18.21 3.19 -31.28
C SER A 445 -17.53 3.20 -29.92
N GLY A 446 -18.19 3.75 -28.90
CA GLY A 446 -17.64 3.80 -27.57
C GLY A 446 -18.20 2.71 -26.68
N HIS A 447 -17.43 2.33 -25.68
CA HIS A 447 -17.84 1.29 -24.76
C HIS A 447 -17.02 1.40 -23.48
N ILE A 448 -17.61 0.98 -22.37
CA ILE A 448 -16.93 0.92 -21.08
C ILE A 448 -17.09 -0.48 -20.53
N SER A 449 -15.99 -1.05 -20.04
CA SER A 449 -16.00 -2.35 -19.38
C SER A 449 -15.41 -2.17 -17.98
N VAL A 450 -16.12 -2.66 -16.97
CA VAL A 450 -15.67 -2.56 -15.59
C VAL A 450 -15.81 -3.93 -14.94
N THR A 451 -14.76 -4.37 -14.24
CA THR A 451 -14.74 -5.67 -13.60
C THR A 451 -14.37 -5.51 -12.13
N ASP A 452 -15.02 -6.31 -11.28
CA ASP A 452 -14.73 -6.35 -9.86
C ASP A 452 -15.46 -7.53 -9.24
N MET A 453 -14.76 -8.34 -8.44
CA MET A 453 -15.32 -9.57 -7.90
C MET A 453 -15.88 -9.44 -6.50
N ASP A 454 -15.89 -8.24 -5.92
CA ASP A 454 -16.28 -8.05 -4.53
C ASP A 454 -17.72 -7.58 -4.43
N SER A 455 -18.22 -7.55 -3.20
CA SER A 455 -19.57 -7.12 -2.89
C SER A 455 -19.54 -5.96 -1.91
N ILE A 456 -20.63 -5.22 -1.87
CA ILE A 456 -20.70 -3.98 -1.10
C ILE A 456 -20.84 -4.31 0.37
N GLU A 457 -20.05 -3.63 1.20
CA GLU A 457 -20.10 -3.76 2.65
C GLU A 457 -20.41 -2.41 3.28
N LYS A 458 -20.73 -2.43 4.58
CA LYS A 458 -21.13 -1.20 5.26
C LYS A 458 -19.99 -0.19 5.29
N SER A 459 -18.77 -0.64 5.55
CA SER A 459 -17.64 0.29 5.65
C SER A 459 -17.28 0.91 4.31
N ASN A 460 -17.73 0.33 3.20
CA ASN A 460 -17.42 0.89 1.88
C ASN A 460 -18.23 2.13 1.56
N LEU A 461 -19.36 2.34 2.24
CA LEU A 461 -20.22 3.49 1.95
C LEU A 461 -19.60 4.81 2.37
N ASN A 462 -18.53 4.79 3.16
CA ASN A 462 -17.94 6.02 3.68
C ASN A 462 -17.15 6.79 2.63
N ARG A 463 -16.70 6.14 1.56
CA ARG A 463 -15.94 6.81 0.52
C ARG A 463 -16.32 6.39 -0.89
N GLN A 464 -17.28 5.49 -1.06
CA GLN A 464 -17.73 5.04 -2.37
C GLN A 464 -19.18 5.53 -2.52
N PHE A 465 -19.31 6.77 -3.01
CA PHE A 465 -20.57 7.50 -2.96
C PHE A 465 -21.62 6.98 -3.93
N LEU A 466 -21.28 6.06 -4.82
CA LEU A 466 -22.26 5.49 -5.72
C LEU A 466 -23.10 4.39 -5.09
N PHE A 467 -22.76 3.95 -3.89
CA PHE A 467 -23.42 2.84 -3.22
C PHE A 467 -24.20 3.35 -2.02
N ARG A 468 -25.39 2.80 -1.81
CA ARG A 468 -26.26 3.16 -0.71
C ARG A 468 -26.40 2.01 0.27
N PRO A 469 -26.96 2.27 1.45
CA PRO A 469 -27.18 1.17 2.41
C PRO A 469 -28.05 0.06 1.88
N ARG A 470 -29.00 0.36 0.98
CA ARG A 470 -29.82 -0.68 0.39
C ARG A 470 -29.02 -1.59 -0.54
N ASP A 471 -27.85 -1.15 -0.99
CA ASP A 471 -27.04 -1.91 -1.92
C ASP A 471 -26.09 -2.88 -1.24
N VAL A 472 -26.09 -2.94 0.10
CA VAL A 472 -25.16 -3.82 0.79
C VAL A 472 -25.49 -5.27 0.45
N GLY A 473 -24.46 -6.01 0.03
CA GLY A 473 -24.61 -7.39 -0.38
C GLY A 473 -24.66 -7.60 -1.87
N LYS A 474 -24.75 -6.54 -2.66
CA LYS A 474 -24.78 -6.65 -4.11
C LYS A 474 -23.38 -6.52 -4.69
N LEU A 475 -23.28 -6.74 -6.00
CA LEU A 475 -22.01 -6.65 -6.69
C LEU A 475 -21.66 -5.19 -6.97
N LYS A 476 -20.40 -4.83 -6.74
CA LYS A 476 -19.98 -3.44 -6.88
C LYS A 476 -20.13 -2.94 -8.31
N SER A 477 -19.74 -3.75 -9.29
CA SER A 477 -19.70 -3.28 -10.67
C SER A 477 -21.11 -3.00 -11.20
N GLU A 478 -22.07 -3.88 -10.89
CA GLU A 478 -23.43 -3.66 -11.36
C GLU A 478 -24.01 -2.38 -10.78
N CYS A 479 -23.83 -2.17 -9.47
CA CYS A 479 -24.34 -0.96 -8.83
C CYS A 479 -23.67 0.29 -9.41
N ALA A 480 -22.36 0.24 -9.62
CA ALA A 480 -21.66 1.40 -10.16
C ALA A 480 -22.16 1.72 -11.57
N SER A 481 -22.33 0.70 -12.41
CA SER A 481 -22.81 0.93 -13.77
C SER A 481 -24.21 1.51 -13.76
N THR A 482 -25.09 1.00 -12.90
CA THR A 482 -26.44 1.54 -12.82
C THR A 482 -26.42 2.99 -12.35
N ALA A 483 -25.60 3.29 -11.34
CA ALA A 483 -25.55 4.66 -10.83
C ALA A 483 -25.07 5.63 -11.89
N VAL A 484 -24.03 5.27 -12.64
CA VAL A 484 -23.51 6.20 -13.63
C VAL A 484 -24.44 6.28 -14.84
N SER A 485 -25.19 5.21 -15.13
CA SER A 485 -26.21 5.31 -16.16
C SER A 485 -27.34 6.23 -15.73
N ILE A 486 -27.59 6.32 -14.42
CA ILE A 486 -28.54 7.31 -13.92
C ILE A 486 -27.98 8.71 -14.06
N MET A 487 -26.69 8.89 -13.77
CA MET A 487 -26.09 10.22 -13.86
C MET A 487 -26.13 10.74 -15.30
N ASN A 488 -25.63 9.95 -16.24
CA ASN A 488 -25.64 10.30 -17.67
C ASN A 488 -26.49 9.28 -18.41
N PRO A 489 -27.73 9.60 -18.79
CA PRO A 489 -28.58 8.60 -19.45
C PRO A 489 -28.02 8.09 -20.77
N SER A 490 -27.10 8.82 -21.40
CA SER A 490 -26.55 8.38 -22.67
C SER A 490 -25.63 7.17 -22.52
N LEU A 491 -25.30 6.77 -21.30
CA LEU A 491 -24.47 5.60 -21.05
C LEU A 491 -25.30 4.32 -20.93
N THR A 492 -26.59 4.38 -21.17
CA THR A 492 -27.43 3.19 -21.11
C THR A 492 -27.11 2.28 -22.29
N GLY A 493 -26.71 1.04 -21.99
CA GLY A 493 -26.34 0.10 -23.02
C GLY A 493 -24.90 0.21 -23.49
N LYS A 494 -24.06 1.00 -22.81
CA LYS A 494 -22.68 1.19 -23.20
C LYS A 494 -21.72 0.92 -22.05
N ILE A 495 -22.18 0.26 -20.99
CA ILE A 495 -21.33 -0.20 -19.91
C ILE A 495 -21.59 -1.68 -19.70
N THR A 496 -20.53 -2.47 -19.67
CA THR A 496 -20.59 -3.90 -19.40
C THR A 496 -19.83 -4.18 -18.11
N SER A 497 -20.48 -4.86 -17.17
CA SER A 497 -19.91 -5.15 -15.87
C SER A 497 -19.63 -6.64 -15.77
N TYR A 498 -18.44 -6.97 -15.29
CA TYR A 498 -18.03 -8.34 -15.04
C TYR A 498 -17.77 -8.52 -13.55
N GLN A 499 -17.95 -9.73 -13.06
CA GLN A 499 -17.62 -10.10 -11.69
C GLN A 499 -16.39 -10.99 -11.62
N GLU A 500 -15.44 -10.78 -12.52
CA GLU A 500 -14.26 -11.61 -12.63
C GLU A 500 -13.06 -10.92 -12.00
N ARG A 501 -12.24 -11.69 -11.31
CA ARG A 501 -10.95 -11.20 -10.84
C ARG A 501 -9.96 -11.23 -12.00
N VAL A 502 -9.24 -10.13 -12.18
CA VAL A 502 -8.24 -10.06 -13.25
C VAL A 502 -6.98 -10.77 -12.79
N GLY A 503 -6.62 -11.83 -13.50
CA GLY A 503 -5.50 -12.65 -13.14
C GLY A 503 -5.33 -13.77 -14.14
N PRO A 504 -4.41 -14.70 -13.86
CA PRO A 504 -4.17 -15.79 -14.82
C PRO A 504 -5.39 -16.66 -15.09
N GLU A 505 -6.35 -16.70 -14.17
CA GLU A 505 -7.52 -17.56 -14.31
C GLU A 505 -8.65 -16.93 -15.12
N SER A 506 -8.50 -15.67 -15.54
CA SER A 506 -9.56 -14.97 -16.28
C SER A 506 -9.12 -14.61 -17.69
N GLU A 507 -8.10 -15.28 -18.22
CA GLU A 507 -7.61 -14.96 -19.55
C GLU A 507 -8.50 -15.49 -20.66
N GLY A 508 -9.50 -16.31 -20.34
CA GLY A 508 -10.48 -16.70 -21.32
C GLY A 508 -11.55 -15.66 -21.58
N ILE A 509 -11.72 -14.72 -20.66
CA ILE A 509 -12.68 -13.64 -20.80
C ILE A 509 -12.01 -12.36 -21.27
N PHE A 510 -10.91 -11.98 -20.61
CA PHE A 510 -10.10 -10.83 -21.03
C PHE A 510 -8.94 -11.31 -21.88
N GLY A 511 -9.27 -11.85 -23.04
CA GLY A 511 -8.30 -12.46 -23.93
C GLY A 511 -7.81 -11.50 -24.99
N ASP A 512 -7.31 -12.07 -26.09
CA ASP A 512 -6.80 -11.25 -27.19
C ASP A 512 -7.90 -10.42 -27.82
N GLU A 513 -9.07 -11.03 -28.07
CA GLU A 513 -10.15 -10.29 -28.71
C GLU A 513 -10.62 -9.15 -27.84
N PHE A 514 -10.75 -9.39 -26.53
CA PHE A 514 -11.18 -8.33 -25.62
C PHE A 514 -10.17 -7.19 -25.62
N PHE A 515 -8.88 -7.50 -25.49
CA PHE A 515 -7.88 -6.46 -25.30
C PHE A 515 -7.57 -5.72 -26.59
N GLU A 516 -7.75 -6.33 -27.75
CA GLU A 516 -7.38 -5.66 -29.00
C GLU A 516 -8.34 -4.55 -29.39
N LYS A 517 -9.52 -4.48 -28.78
CA LYS A 517 -10.48 -3.44 -29.10
C LYS A 517 -10.42 -2.24 -28.14
N LEU A 518 -9.63 -2.34 -27.07
CA LEU A 518 -9.59 -1.29 -26.07
C LEU A 518 -8.82 -0.08 -26.58
N SER A 519 -8.99 1.03 -25.88
CA SER A 519 -8.18 2.23 -26.09
C SER A 519 -7.26 2.54 -24.92
N LEU A 520 -7.66 2.21 -23.70
CA LEU A 520 -6.81 2.42 -22.53
C LEU A 520 -7.34 1.59 -21.37
N VAL A 521 -6.46 1.34 -20.41
CA VAL A 521 -6.79 0.57 -19.22
C VAL A 521 -6.49 1.43 -18.01
N THR A 522 -7.42 1.48 -17.06
CA THR A 522 -7.27 2.24 -15.83
C THR A 522 -7.35 1.28 -14.66
N ASN A 523 -6.31 1.27 -13.82
CA ASN A 523 -6.26 0.42 -12.64
C ASN A 523 -6.83 1.16 -11.44
N ALA A 524 -7.71 0.49 -10.71
CA ALA A 524 -8.30 1.03 -9.48
C ALA A 524 -8.23 -0.02 -8.37
N LEU A 525 -7.07 -0.65 -8.24
CA LEU A 525 -6.88 -1.81 -7.39
C LEU A 525 -6.30 -1.39 -6.04
N ASP A 526 -6.11 -2.38 -5.17
CA ASP A 526 -5.60 -2.15 -3.82
C ASP A 526 -4.43 -3.05 -3.46
N ASN A 527 -3.88 -3.79 -4.43
CA ASN A 527 -2.75 -4.68 -4.18
C ASN A 527 -1.79 -4.62 -5.35
N VAL A 528 -0.55 -5.02 -5.10
CA VAL A 528 0.51 -4.89 -6.10
C VAL A 528 0.50 -6.04 -7.09
N GLU A 529 0.05 -7.23 -6.68
CA GLU A 529 0.06 -8.38 -7.58
C GLU A 529 -0.83 -8.12 -8.80
N ALA A 530 -2.04 -7.62 -8.57
CA ALA A 530 -2.94 -7.32 -9.68
C ALA A 530 -2.40 -6.20 -10.54
N ARG A 531 -1.76 -5.20 -9.91
CA ARG A 531 -1.15 -4.12 -10.68
C ARG A 531 -0.09 -4.65 -11.62
N MET A 532 0.78 -5.53 -11.12
CA MET A 532 1.81 -6.11 -11.97
C MET A 532 1.21 -6.94 -13.09
N TYR A 533 0.18 -7.72 -12.79
CA TYR A 533 -0.44 -8.54 -13.83
C TYR A 533 -1.03 -7.67 -14.93
N VAL A 534 -1.79 -6.65 -14.56
CA VAL A 534 -2.41 -5.78 -15.56
C VAL A 534 -1.33 -5.03 -16.33
N ASP A 535 -0.24 -4.65 -15.66
CA ASP A 535 0.85 -3.97 -16.33
C ASP A 535 1.46 -4.87 -17.41
N ARG A 536 1.71 -6.13 -17.07
CA ARG A 536 2.26 -7.05 -18.05
C ARG A 536 1.31 -7.25 -19.23
N ARG A 537 0.01 -7.36 -18.96
CA ARG A 537 -0.96 -7.51 -20.05
C ARG A 537 -0.96 -6.29 -20.95
N CYS A 538 -0.91 -5.10 -20.37
CA CYS A 538 -0.89 -3.88 -21.18
C CYS A 538 0.40 -3.78 -21.99
N VAL A 539 1.53 -4.20 -21.41
CA VAL A 539 2.78 -4.21 -22.16
C VAL A 539 2.68 -5.16 -23.34
N PHE A 540 2.12 -6.35 -23.13
CA PHE A 540 2.01 -7.30 -24.23
C PHE A 540 1.09 -6.79 -25.33
N PHE A 541 -0.04 -6.21 -24.97
CA PHE A 541 -0.99 -5.72 -25.97
C PHE A 541 -0.72 -4.28 -26.38
N GLU A 542 0.24 -3.61 -25.76
CA GLU A 542 0.63 -2.25 -26.14
C GLU A 542 -0.55 -1.29 -26.00
N LYS A 543 -1.11 -1.25 -24.80
CA LYS A 543 -2.20 -0.34 -24.46
C LYS A 543 -1.73 0.66 -23.41
N PRO A 544 -2.22 1.90 -23.45
CA PRO A 544 -1.91 2.84 -22.37
C PRO A 544 -2.53 2.39 -21.06
N LEU A 545 -1.82 2.69 -19.96
CA LEU A 545 -2.26 2.31 -18.63
C LEU A 545 -2.21 3.53 -17.71
N LEU A 546 -3.25 3.67 -16.88
CA LEU A 546 -3.33 4.72 -15.87
C LEU A 546 -3.36 4.06 -14.50
N GLU A 547 -2.30 4.28 -13.73
CA GLU A 547 -2.19 3.74 -12.38
C GLU A 547 -2.40 4.85 -11.37
N SER A 548 -3.00 4.51 -10.23
CA SER A 548 -3.19 5.45 -9.14
C SER A 548 -3.28 4.68 -7.83
N GLY A 549 -2.84 5.32 -6.76
CA GLY A 549 -2.88 4.70 -5.45
C GLY A 549 -3.00 5.75 -4.37
N THR A 550 -3.58 5.35 -3.24
CA THR A 550 -3.75 6.23 -2.10
C THR A 550 -3.41 5.49 -0.82
N LEU A 551 -3.11 6.26 0.22
CA LEU A 551 -2.90 5.72 1.56
C LEU A 551 -3.12 6.88 2.53
N GLY A 552 -4.23 6.86 3.25
CA GLY A 552 -4.52 7.95 4.16
C GLY A 552 -4.68 9.24 3.38
N THR A 553 -3.82 10.22 3.68
CA THR A 553 -3.83 11.50 2.98
C THR A 553 -2.81 11.57 1.85
N LYS A 554 -2.08 10.49 1.59
CA LYS A 554 -1.07 10.46 0.54
C LYS A 554 -1.64 9.80 -0.71
N GLY A 555 -1.12 10.20 -1.86
CA GLY A 555 -1.56 9.59 -3.11
C GLY A 555 -0.55 9.80 -4.21
N ASN A 556 -0.67 8.96 -5.25
CA ASN A 556 0.18 9.07 -6.42
C ASN A 556 -0.58 8.60 -7.65
N THR A 557 -0.19 9.12 -8.80
CA THR A 557 -0.71 8.71 -10.09
C THR A 557 0.44 8.60 -11.09
N GLN A 558 0.41 7.53 -11.90
CA GLN A 558 1.42 7.28 -12.91
C GLN A 558 0.74 6.91 -14.22
N VAL A 559 1.42 7.21 -15.33
CA VAL A 559 0.92 6.92 -16.67
C VAL A 559 1.96 6.11 -17.41
N VAL A 560 1.50 5.07 -18.10
CA VAL A 560 2.36 4.18 -18.89
C VAL A 560 1.90 4.28 -20.34
N VAL A 561 2.81 4.70 -21.21
CA VAL A 561 2.52 4.99 -22.61
C VAL A 561 3.34 4.03 -23.46
N PRO A 562 2.73 3.31 -24.41
CA PRO A 562 3.51 2.36 -25.21
C PRO A 562 4.61 3.04 -26.02
N HIS A 563 5.76 2.38 -26.08
CA HIS A 563 6.93 2.78 -26.85
C HIS A 563 7.50 4.13 -26.42
N LEU A 564 7.01 4.70 -25.32
CA LEU A 564 7.50 5.98 -24.84
C LEU A 564 8.11 5.90 -23.45
N THR A 565 7.37 5.37 -22.47
CA THR A 565 7.79 5.35 -21.09
C THR A 565 8.04 3.92 -20.63
N GLU A 566 8.55 3.81 -19.41
CA GLU A 566 8.70 2.50 -18.77
C GLU A 566 7.37 2.05 -18.20
N SER A 567 7.28 0.75 -17.91
CA SER A 567 6.05 0.18 -17.39
C SER A 567 5.96 0.39 -15.89
N TYR A 568 4.86 -0.08 -15.30
CA TYR A 568 4.68 0.04 -13.86
C TYR A 568 5.64 -0.85 -13.08
N GLY A 569 5.99 -2.01 -13.64
CA GLY A 569 6.85 -2.96 -12.98
C GLY A 569 8.34 -2.73 -13.16
N SER A 570 8.74 -1.65 -13.82
CA SER A 570 10.14 -1.33 -14.00
C SER A 570 10.77 -0.71 -12.76
N SER A 571 9.99 -0.41 -11.72
CA SER A 571 10.48 0.22 -10.52
C SER A 571 10.11 -0.64 -9.31
N GLN A 572 10.79 -0.36 -8.19
CA GLN A 572 10.61 -1.11 -6.97
C GLN A 572 9.98 -0.23 -5.90
N ASP A 573 9.15 -0.86 -5.06
CA ASP A 573 8.58 -0.22 -3.89
C ASP A 573 9.08 -0.92 -2.63
N PRO A 574 9.14 -0.23 -1.50
CA PRO A 574 9.53 -0.88 -0.25
C PRO A 574 8.61 -2.06 0.04
N PRO A 575 9.14 -3.19 0.48
CA PRO A 575 8.30 -4.35 0.74
C PRO A 575 7.69 -4.33 2.14
N GLU A 576 6.72 -5.22 2.34
CA GLU A 576 6.12 -5.38 3.66
C GLU A 576 7.15 -5.94 4.64
N LYS A 577 7.07 -5.50 5.88
CA LYS A 577 8.01 -5.91 6.91
C LYS A 577 7.48 -7.14 7.65
N SER A 578 8.29 -8.18 7.72
CA SER A 578 7.98 -9.40 8.45
C SER A 578 9.03 -9.62 9.52
N PHE A 579 8.59 -10.01 10.71
CA PHE A 579 9.49 -10.12 11.84
C PHE A 579 10.21 -11.47 11.83
N PRO A 580 11.37 -11.55 12.46
CA PRO A 580 12.06 -12.84 12.55
C PRO A 580 11.23 -13.86 13.33
N ILE A 581 11.36 -15.13 12.94
CA ILE A 581 10.57 -16.16 13.60
C ILE A 581 11.00 -16.32 15.06
N CYS A 582 12.29 -16.16 15.35
CA CYS A 582 12.75 -16.26 16.73
C CYS A 582 12.12 -15.18 17.60
N THR A 583 12.03 -13.95 17.08
CA THR A 583 11.42 -12.88 17.84
C THR A 583 9.95 -13.16 18.11
N LEU A 584 9.21 -13.61 17.10
CA LEU A 584 7.78 -13.86 17.26
C LEU A 584 7.52 -15.02 18.23
N LYS A 585 8.30 -16.10 18.11
CA LYS A 585 7.99 -17.30 18.87
C LYS A 585 8.34 -17.16 20.34
N ASN A 586 9.46 -16.53 20.67
CA ASN A 586 9.99 -16.56 22.03
C ASN A 586 10.21 -15.20 22.65
N PHE A 587 10.68 -14.21 21.90
CA PHE A 587 11.18 -12.96 22.46
C PHE A 587 10.51 -11.76 21.81
N PRO A 588 9.22 -11.57 22.04
CA PRO A 588 8.56 -10.36 21.57
C PRO A 588 8.87 -9.17 22.46
N ASN A 589 8.85 -7.98 21.86
CA ASN A 589 8.98 -6.74 22.61
C ASN A 589 8.07 -5.63 22.10
N ARG A 590 7.20 -5.90 21.13
CA ARG A 590 6.24 -4.94 20.63
C ARG A 590 4.87 -5.62 20.55
N ILE A 591 3.83 -4.80 20.57
CA ILE A 591 2.47 -5.35 20.49
C ILE A 591 2.24 -5.97 19.12
N GLU A 592 2.94 -5.50 18.09
CA GLU A 592 2.80 -6.10 16.77
C GLU A 592 3.26 -7.55 16.77
N HIS A 593 4.33 -7.85 17.49
CA HIS A 593 4.80 -9.24 17.59
C HIS A 593 3.74 -10.12 18.24
N THR A 594 3.12 -9.64 19.32
CA THR A 594 2.11 -10.43 20.00
C THR A 594 0.85 -10.58 19.17
N ILE A 595 0.52 -9.57 18.35
CA ILE A 595 -0.65 -9.70 17.47
C ILE A 595 -0.38 -10.72 16.37
N ALA A 596 0.83 -10.72 15.81
CA ALA A 596 1.17 -11.73 14.82
C ALA A 596 1.13 -13.13 15.44
N TRP A 597 1.66 -13.26 16.66
CA TRP A 597 1.59 -14.53 17.37
C TRP A 597 0.14 -14.96 17.59
N ALA A 598 -0.72 -14.02 17.97
CA ALA A 598 -2.13 -14.35 18.21
C ALA A 598 -2.81 -14.79 16.93
N ARG A 599 -2.50 -14.15 15.80
CA ARG A 599 -3.08 -14.58 14.53
C ARG A 599 -2.62 -15.99 14.16
N ASP A 600 -1.33 -16.28 14.35
CA ASP A 600 -0.85 -17.64 14.09
C ASP A 600 -1.52 -18.64 15.01
N LEU A 601 -1.73 -18.26 16.27
CA LEU A 601 -2.43 -19.13 17.22
C LEU A 601 -3.86 -19.40 16.78
N PHE A 602 -4.54 -18.36 16.30
CA PHE A 602 -5.90 -18.53 15.78
C PHE A 602 -5.91 -19.53 14.63
N GLU A 603 -5.00 -19.36 13.67
CA GLU A 603 -4.93 -20.28 12.54
C GLU A 603 -4.63 -21.70 13.00
N GLY A 604 -3.70 -21.86 13.94
CA GLY A 604 -3.30 -23.19 14.38
C GLY A 604 -4.30 -23.87 15.27
N LEU A 605 -5.21 -23.13 15.90
CA LEU A 605 -6.22 -23.74 16.76
C LEU A 605 -7.53 -24.01 16.04
N PHE A 606 -7.96 -23.12 15.16
CA PHE A 606 -9.31 -23.21 14.61
C PHE A 606 -9.37 -23.45 13.11
N LYS A 607 -8.23 -23.44 12.40
CA LYS A 607 -8.24 -23.59 10.96
C LYS A 607 -7.48 -24.82 10.48
N GLN A 608 -6.20 -24.96 10.87
CA GLN A 608 -5.41 -26.06 10.33
C GLN A 608 -5.89 -27.42 10.79
N PRO A 609 -6.12 -27.68 12.08
CA PRO A 609 -6.61 -29.01 12.47
C PRO A 609 -7.92 -29.38 11.81
N ILE A 610 -8.82 -28.42 11.65
CA ILE A 610 -10.10 -28.70 10.99
C ILE A 610 -9.87 -29.07 9.53
N ASP A 611 -8.98 -28.36 8.86
CA ASP A 611 -8.66 -28.71 7.47
C ASP A 611 -8.07 -30.11 7.38
N ASN A 612 -7.18 -30.46 8.30
CA ASN A 612 -6.61 -31.81 8.28
C ASN A 612 -7.68 -32.87 8.51
N VAL A 613 -8.58 -32.63 9.47
CA VAL A 613 -9.65 -33.60 9.73
C VAL A 613 -10.53 -33.76 8.50
N ASN A 614 -10.90 -32.65 7.88
CA ASN A 614 -11.79 -32.72 6.71
C ASN A 614 -11.10 -33.40 5.54
N MET A 615 -9.82 -33.09 5.29
CA MET A 615 -9.10 -33.73 4.20
C MET A 615 -8.88 -35.21 4.46
N TYR A 616 -8.78 -35.61 5.73
CA TYR A 616 -8.67 -37.02 6.06
C TYR A 616 -9.93 -37.78 5.68
N LEU A 617 -11.10 -37.17 5.92
CA LEU A 617 -12.38 -37.84 5.65
C LEU A 617 -12.78 -37.76 4.18
N SER A 618 -12.04 -37.04 3.35
CA SER A 618 -12.36 -36.93 1.92
C SER A 618 -11.39 -37.72 1.06
N SER A 619 -10.09 -37.46 1.18
CA SER A 619 -9.10 -38.13 0.33
C SER A 619 -8.88 -39.55 0.83
N PRO A 620 -9.07 -40.58 0.00
CA PRO A 620 -8.88 -41.95 0.48
C PRO A 620 -7.43 -42.31 0.77
N ASN A 621 -6.47 -41.61 0.18
CA ASN A 621 -5.05 -41.89 0.35
C ASN A 621 -4.35 -40.72 1.01
N PHE A 622 -5.02 -40.07 1.96
CA PHE A 622 -4.45 -38.89 2.61
C PHE A 622 -3.29 -39.28 3.53
N LEU A 623 -3.49 -40.30 4.37
CA LEU A 623 -2.46 -40.66 5.33
C LEU A 623 -1.18 -41.12 4.64
N GLU A 624 -1.31 -41.95 3.60
CA GLU A 624 -0.13 -42.48 2.93
C GLU A 624 0.68 -41.36 2.29
N THR A 625 0.01 -40.41 1.64
CA THR A 625 0.73 -39.28 1.05
C THR A 625 1.35 -38.39 2.12
N SER A 626 0.60 -38.11 3.19
CA SER A 626 1.09 -37.20 4.21
C SER A 626 2.28 -37.77 4.97
N LEU A 627 2.32 -39.10 5.13
CA LEU A 627 3.41 -39.71 5.89
C LEU A 627 4.77 -39.42 5.29
N LYS A 628 4.83 -39.13 3.98
CA LYS A 628 6.09 -38.90 3.30
C LYS A 628 6.17 -37.54 2.60
N THR A 629 5.09 -36.76 2.55
CA THR A 629 5.09 -35.46 1.90
C THR A 629 4.72 -34.34 2.86
N SER A 630 5.08 -34.49 4.14
CA SER A 630 4.81 -33.47 5.14
C SER A 630 6.01 -33.32 6.06
N SER A 631 6.18 -32.12 6.58
CA SER A 631 7.29 -31.87 7.50
C SER A 631 7.08 -32.59 8.83
N ASN A 632 5.86 -32.57 9.35
CA ASN A 632 5.52 -33.20 10.63
C ASN A 632 4.25 -34.05 10.44
N PRO A 633 4.38 -35.24 9.86
CA PRO A 633 3.22 -36.14 9.80
C PRO A 633 2.68 -36.48 11.18
N ARG A 634 3.56 -36.56 12.18
CA ARG A 634 3.11 -36.82 13.54
C ARG A 634 2.15 -35.74 14.01
N GLU A 635 2.43 -34.48 13.66
CA GLU A 635 1.54 -33.40 14.04
C GLU A 635 0.17 -33.56 13.39
N VAL A 636 0.14 -33.97 12.12
CA VAL A 636 -1.14 -34.17 11.43
C VAL A 636 -1.92 -35.29 12.10
N LEU A 637 -1.25 -36.41 12.41
CA LEU A 637 -1.94 -37.52 13.06
C LEU A 637 -2.47 -37.11 14.43
N GLU A 638 -1.67 -36.37 15.19
CA GLU A 638 -2.12 -35.91 16.51
C GLU A 638 -3.31 -34.98 16.39
N ASN A 639 -3.28 -34.07 15.41
CA ASN A 639 -4.41 -33.17 15.20
C ASN A 639 -5.68 -33.95 14.89
N ILE A 640 -5.57 -34.93 13.97
CA ILE A 640 -6.75 -35.72 13.60
C ILE A 640 -7.29 -36.45 14.81
N ARG A 641 -6.41 -37.12 15.55
CA ARG A 641 -6.85 -37.89 16.72
C ARG A 641 -7.52 -36.97 17.74
N ASP A 642 -6.88 -35.86 18.07
CA ASP A 642 -7.41 -34.99 19.11
C ASP A 642 -8.75 -34.38 18.71
N TYR A 643 -8.89 -33.96 17.45
CA TYR A 643 -10.11 -33.31 17.02
C TYR A 643 -11.21 -34.29 16.66
N LEU A 644 -10.91 -35.58 16.49
CA LEU A 644 -11.95 -36.57 16.20
C LEU A 644 -12.41 -37.32 17.44
N VAL A 645 -11.48 -37.89 18.22
CA VAL A 645 -11.82 -38.83 19.28
C VAL A 645 -11.44 -38.30 20.66
N THR A 646 -10.19 -37.87 20.82
CA THR A 646 -9.67 -37.64 22.18
C THR A 646 -10.38 -36.47 22.85
N GLU A 647 -10.51 -35.34 22.16
CA GLU A 647 -11.01 -34.11 22.76
C GLU A 647 -12.14 -33.53 21.93
N LYS A 648 -13.10 -34.38 21.56
CA LYS A 648 -14.29 -33.92 20.85
C LYS A 648 -15.33 -33.48 21.86
N PRO A 649 -15.84 -32.24 21.78
CA PRO A 649 -16.81 -31.78 22.79
C PRO A 649 -18.22 -32.24 22.45
N LEU A 650 -18.91 -32.79 23.45
CA LEU A 650 -20.31 -33.16 23.31
C LEU A 650 -21.25 -32.07 23.82
N SER A 651 -20.72 -31.00 24.41
CA SER A 651 -21.53 -29.90 24.91
C SER A 651 -20.65 -28.66 24.95
N PHE A 652 -21.25 -27.53 25.35
CA PHE A 652 -20.50 -26.30 25.45
C PHE A 652 -19.60 -26.26 26.68
N GLU A 653 -19.97 -27.00 27.73
CA GLU A 653 -19.13 -27.03 28.93
C GLU A 653 -17.77 -27.64 28.63
N GLU A 654 -17.73 -28.68 27.78
CA GLU A 654 -16.45 -29.22 27.38
C GLU A 654 -15.65 -28.23 26.55
N CYS A 655 -16.32 -27.36 25.80
CA CYS A 655 -15.63 -26.29 25.11
C CYS A 655 -15.02 -25.31 26.10
N ILE A 656 -15.74 -24.99 27.17
CA ILE A 656 -15.19 -24.10 28.19
C ILE A 656 -13.96 -24.73 28.84
N MET A 657 -14.04 -26.01 29.19
CA MET A 657 -12.91 -26.69 29.80
C MET A 657 -11.72 -26.72 28.84
N TRP A 658 -11.99 -26.96 27.56
CA TRP A 658 -10.93 -26.92 26.55
C TRP A 658 -10.28 -25.55 26.49
N ALA A 659 -11.09 -24.48 26.53
CA ALA A 659 -10.54 -23.14 26.51
C ALA A 659 -9.65 -22.88 27.72
N ARG A 660 -10.08 -23.35 28.90
CA ARG A 660 -9.25 -23.20 30.09
C ARG A 660 -7.93 -23.94 29.93
N LEU A 661 -7.98 -25.16 29.40
CA LEU A 661 -6.75 -25.92 29.17
C LEU A 661 -5.83 -25.20 28.20
N GLN A 662 -6.38 -24.61 27.14
CA GLN A 662 -5.54 -23.88 26.19
C GLN A 662 -4.94 -22.63 26.82
N PHE A 663 -5.69 -21.96 27.69
CA PHE A 663 -5.14 -20.83 28.43
C PHE A 663 -3.91 -21.27 29.21
N ASP A 664 -4.03 -22.38 29.95
CA ASP A 664 -2.89 -22.88 30.71
C ASP A 664 -1.74 -23.23 29.77
N LYS A 665 -2.04 -23.85 28.62
CA LYS A 665 -0.97 -24.27 27.72
C LYS A 665 -0.19 -23.09 27.17
N PHE A 666 -0.89 -22.02 26.76
CA PHE A 666 -0.26 -20.96 25.99
C PHE A 666 0.15 -19.75 26.80
N PHE A 667 -0.31 -19.62 28.05
CA PHE A 667 0.06 -18.46 28.86
C PHE A 667 0.67 -18.80 30.21
N ASN A 668 0.76 -20.07 30.56
CA ASN A 668 1.34 -20.43 31.85
C ASN A 668 2.44 -21.49 31.73
N ASN A 669 2.29 -22.47 30.84
CA ASN A 669 3.22 -23.60 30.81
C ASN A 669 4.39 -23.37 29.88
N ASN A 670 4.16 -22.82 28.69
CA ASN A 670 5.28 -22.55 27.79
C ASN A 670 6.21 -21.50 28.37
N ILE A 671 5.66 -20.54 29.12
CA ILE A 671 6.50 -19.55 29.78
C ILE A 671 7.35 -20.20 30.86
N GLN A 672 6.77 -21.14 31.60
CA GLN A 672 7.55 -21.86 32.61
C GLN A 672 8.67 -22.66 31.97
N GLN A 673 8.38 -23.33 30.85
CA GLN A 673 9.43 -24.05 30.14
C GLN A 673 10.52 -23.10 29.65
N LEU A 674 10.13 -21.95 29.11
CA LEU A 674 11.11 -20.98 28.63
C LEU A 674 12.00 -20.48 29.76
N LEU A 675 11.41 -20.16 30.91
CA LEU A 675 12.20 -19.71 32.05
C LEU A 675 12.99 -20.84 32.69
N PHE A 676 12.63 -22.09 32.42
CA PHE A 676 13.47 -23.20 32.84
C PHE A 676 14.71 -23.30 31.95
N ASN A 677 14.53 -23.09 30.64
CA ASN A 677 15.67 -23.14 29.74
C ASN A 677 16.60 -21.95 29.95
N PHE A 678 16.04 -20.75 30.11
CA PHE A 678 16.82 -19.52 30.26
C PHE A 678 16.35 -18.77 31.51
N PRO A 679 16.84 -19.18 32.69
CA PRO A 679 16.42 -18.49 33.91
C PRO A 679 16.67 -17.00 33.83
N LYS A 680 15.97 -16.25 34.69
CA LYS A 680 16.09 -14.79 34.66
C LYS A 680 17.47 -14.31 35.05
N ASP A 681 18.25 -15.12 35.76
CA ASP A 681 19.60 -14.75 36.17
C ASP A 681 20.67 -15.27 35.21
N SER A 682 20.28 -15.88 34.09
CA SER A 682 21.26 -16.42 33.16
C SER A 682 21.99 -15.30 32.43
N VAL A 683 23.16 -15.65 31.88
CA VAL A 683 24.01 -14.71 31.17
C VAL A 683 24.34 -15.29 29.81
N THR A 684 24.76 -14.42 28.90
CA THR A 684 25.13 -14.83 27.56
C THR A 684 26.53 -15.44 27.59
N SER A 685 27.10 -15.67 26.41
CA SER A 685 28.45 -16.24 26.33
C SER A 685 29.55 -15.22 26.62
N THR A 686 29.21 -13.93 26.69
CA THR A 686 30.18 -12.88 26.99
C THR A 686 29.98 -12.26 28.37
N GLY A 687 29.19 -12.89 29.23
CA GLY A 687 28.96 -12.40 30.56
C GLY A 687 27.84 -11.39 30.70
N GLN A 688 27.25 -10.95 29.59
CA GLN A 688 26.14 -10.01 29.67
C GLN A 688 24.86 -10.72 30.09
N PRO A 689 23.93 -10.02 30.75
CA PRO A 689 22.64 -10.64 31.08
C PRO A 689 21.88 -11.02 29.83
N PHE A 690 21.21 -12.17 29.87
CA PHE A 690 20.48 -12.65 28.72
C PHE A 690 19.23 -11.80 28.46
N TRP A 691 18.43 -11.57 29.50
CA TRP A 691 17.16 -10.87 29.36
C TRP A 691 17.38 -9.36 29.52
N SER A 692 18.06 -8.78 28.53
CA SER A 692 18.35 -7.36 28.53
C SER A 692 18.07 -6.77 27.15
N GLY A 693 17.50 -5.57 27.13
CA GLY A 693 17.28 -4.85 25.91
C GLY A 693 16.07 -5.36 25.14
N PRO A 694 16.28 -5.84 23.92
CA PRO A 694 15.14 -6.34 23.13
C PRO A 694 14.48 -7.57 23.72
N LYS A 695 15.13 -8.28 24.63
CA LYS A 695 14.57 -9.46 25.27
C LYS A 695 14.04 -9.07 26.64
N ARG A 696 12.75 -9.33 26.87
CA ARG A 696 12.08 -9.01 28.13
C ARG A 696 11.74 -10.32 28.84
N ALA A 697 12.08 -10.40 30.11
CA ALA A 697 11.83 -11.62 30.87
C ALA A 697 10.34 -11.81 31.07
N PRO A 698 9.75 -12.93 30.69
CA PRO A 698 8.31 -13.15 30.90
C PRO A 698 8.03 -13.67 32.30
N THR A 699 6.73 -13.73 32.62
CA THR A 699 6.27 -14.26 33.89
C THR A 699 4.97 -15.02 33.65
N PRO A 700 4.82 -16.23 34.18
CA PRO A 700 3.59 -16.99 33.94
C PRO A 700 2.36 -16.29 34.49
N LEU A 701 1.24 -16.49 33.82
CA LEU A 701 -0.05 -15.98 34.26
C LEU A 701 -0.83 -17.06 34.99
N SER A 702 -1.42 -16.69 36.12
CA SER A 702 -2.33 -17.56 36.85
C SER A 702 -3.76 -17.15 36.54
N PHE A 703 -4.60 -18.11 36.22
CA PHE A 703 -5.94 -17.80 35.75
C PHE A 703 -6.79 -17.23 36.89
N ASP A 704 -7.41 -16.08 36.62
CA ASP A 704 -8.32 -15.44 37.56
C ASP A 704 -9.59 -15.08 36.80
N ILE A 705 -10.72 -15.65 37.22
CA ILE A 705 -11.96 -15.45 36.48
C ILE A 705 -12.40 -14.00 36.52
N HIS A 706 -12.15 -13.31 37.63
CA HIS A 706 -12.59 -11.92 37.75
C HIS A 706 -11.86 -10.99 36.79
N ASN A 707 -10.65 -11.35 36.35
CA ASN A 707 -9.93 -10.51 35.42
C ASN A 707 -10.67 -10.45 34.09
N ARG A 708 -10.63 -9.27 33.46
CA ARG A 708 -11.41 -9.07 32.24
C ARG A 708 -10.78 -9.79 31.05
N GLU A 709 -9.44 -9.71 30.91
CA GLU A 709 -8.79 -10.31 29.75
C GLU A 709 -8.88 -11.83 29.79
N HIS A 710 -8.71 -12.43 30.97
CA HIS A 710 -8.81 -13.88 31.09
C HIS A 710 -10.21 -14.35 30.69
N PHE A 711 -11.24 -13.67 31.20
CA PHE A 711 -12.61 -14.05 30.87
C PHE A 711 -12.90 -13.85 29.39
N ASP A 712 -12.39 -12.76 28.81
CA ASP A 712 -12.56 -12.54 27.38
C ASP A 712 -11.94 -13.67 26.57
N PHE A 713 -10.72 -14.08 26.94
CA PHE A 713 -10.09 -15.18 26.21
C PHE A 713 -10.90 -16.46 26.33
N ILE A 714 -11.36 -16.77 27.55
CA ILE A 714 -12.13 -18.00 27.72
C ILE A 714 -13.40 -17.96 26.87
N VAL A 715 -14.10 -16.83 26.90
CA VAL A 715 -15.34 -16.71 26.14
C VAL A 715 -15.08 -16.90 24.66
N ALA A 716 -14.11 -16.17 24.12
CA ALA A 716 -13.86 -16.22 22.68
C ALA A 716 -13.39 -17.61 22.25
N ALA A 717 -12.49 -18.23 23.02
CA ALA A 717 -12.00 -19.55 22.65
C ALA A 717 -13.11 -20.59 22.70
N ALA A 718 -13.93 -20.58 23.76
CA ALA A 718 -15.03 -21.53 23.84
C ALA A 718 -16.02 -21.32 22.70
N SER A 719 -16.32 -20.06 22.37
CA SER A 719 -17.27 -19.78 21.30
C SER A 719 -16.73 -20.28 19.96
N LEU A 720 -15.45 -20.05 19.68
CA LEU A 720 -14.90 -20.49 18.41
C LEU A 720 -14.80 -22.01 18.34
N TYR A 721 -14.49 -22.67 19.45
CA TYR A 721 -14.49 -24.13 19.45
C TYR A 721 -15.89 -24.67 19.19
N ALA A 722 -16.90 -24.08 19.83
CA ALA A 722 -18.28 -24.49 19.59
C ALA A 722 -18.66 -24.27 18.13
N PHE A 723 -18.23 -23.15 17.55
CA PHE A 723 -18.48 -22.93 16.13
C PHE A 723 -17.84 -24.01 15.28
N ASN A 724 -16.62 -24.42 15.63
CA ASN A 724 -15.96 -25.49 14.89
C ASN A 724 -16.78 -26.77 14.96
N TYR A 725 -17.30 -27.11 16.14
CA TYR A 725 -18.07 -28.34 16.28
C TYR A 725 -19.58 -28.12 16.14
N GLY A 726 -20.02 -26.91 15.81
CA GLY A 726 -21.42 -26.67 15.55
C GLY A 726 -22.31 -26.67 16.76
N LEU A 727 -21.77 -26.44 17.95
CA LEU A 727 -22.56 -26.43 19.17
C LEU A 727 -23.14 -25.04 19.41
N LYS A 728 -24.00 -24.95 20.42
CA LYS A 728 -24.71 -23.71 20.76
C LYS A 728 -23.94 -23.01 21.88
N SER A 729 -23.33 -21.88 21.54
CA SER A 729 -22.55 -21.12 22.51
C SER A 729 -23.48 -20.23 23.35
N GLU A 730 -22.90 -19.66 24.41
CA GLU A 730 -23.61 -18.78 25.32
C GLU A 730 -22.71 -17.64 25.73
N THR A 731 -23.33 -16.58 26.25
CA THR A 731 -22.60 -15.38 26.68
C THR A 731 -22.84 -15.02 28.13
N ASP A 732 -23.76 -15.68 28.82
CA ASP A 732 -24.00 -15.35 30.23
C ASP A 732 -22.80 -15.77 31.07
N PRO A 733 -22.23 -14.86 31.87
CA PRO A 733 -21.08 -15.26 32.70
C PRO A 733 -21.40 -16.30 33.76
N ALA A 734 -22.68 -16.51 34.09
CA ALA A 734 -23.02 -17.44 35.17
C ALA A 734 -22.56 -18.86 34.84
N ILE A 735 -22.83 -19.32 33.62
CA ILE A 735 -22.42 -20.67 33.24
C ILE A 735 -20.91 -20.79 33.24
N TYR A 736 -20.21 -19.77 32.75
CA TYR A 736 -18.75 -19.82 32.74
C TYR A 736 -18.20 -19.92 34.15
N GLU A 737 -18.71 -19.11 35.07
CA GLU A 737 -18.23 -19.16 36.44
C GLU A 737 -18.57 -20.50 37.10
N ARG A 738 -19.73 -21.05 36.80
CA ARG A 738 -20.09 -22.35 37.37
C ARG A 738 -19.18 -23.46 36.86
N VAL A 739 -18.91 -23.48 35.55
CA VAL A 739 -18.13 -24.56 34.97
C VAL A 739 -16.67 -24.45 35.40
N LEU A 740 -16.10 -23.24 35.35
CA LEU A 740 -14.68 -23.08 35.64
C LEU A 740 -14.37 -23.22 37.12
N ALA A 741 -15.37 -23.11 38.00
CA ALA A 741 -15.12 -23.27 39.42
C ALA A 741 -14.62 -24.67 39.73
N GLY A 742 -15.23 -25.69 39.12
CA GLY A 742 -14.81 -27.06 39.33
C GLY A 742 -13.82 -27.54 38.30
N TYR A 743 -12.63 -26.92 38.27
CA TYR A 743 -11.57 -27.31 37.35
C TYR A 743 -10.31 -27.60 38.14
N ASN A 744 -9.72 -28.77 37.90
CA ASN A 744 -8.49 -29.19 38.56
C ASN A 744 -7.37 -29.24 37.54
N PRO A 745 -6.49 -28.24 37.47
CA PRO A 745 -5.43 -28.25 36.45
C PRO A 745 -4.48 -29.40 36.67
N PRO A 746 -4.15 -30.16 35.62
CA PRO A 746 -3.17 -31.23 35.78
C PRO A 746 -1.83 -30.67 36.20
N PRO A 747 -1.06 -31.40 37.00
CA PRO A 747 0.25 -30.91 37.41
C PRO A 747 1.18 -30.76 36.21
N PHE A 748 2.04 -29.75 36.27
CA PHE A 748 3.01 -29.47 35.22
C PHE A 748 4.38 -29.22 35.85
N ALA A 749 5.41 -29.84 35.27
CA ALA A 749 6.78 -29.60 35.67
C ALA A 749 7.65 -29.51 34.42
N PRO A 750 8.38 -28.41 34.20
CA PRO A 750 9.18 -28.31 32.97
C PRO A 750 10.18 -29.45 32.88
N LYS A 751 10.35 -29.97 31.67
CA LYS A 751 11.18 -31.15 31.44
C LYS A 751 12.61 -30.74 31.11
N SER A 752 13.56 -31.48 31.68
CA SER A 752 14.98 -31.24 31.45
C SER A 752 15.50 -31.92 30.18
N GLY A 753 14.68 -32.73 29.52
CA GLY A 753 15.10 -33.43 28.32
C GLY A 753 15.69 -34.80 28.66
N ILE A 754 16.95 -35.02 28.32
CA ILE A 754 17.63 -36.28 28.58
C ILE A 754 16.86 -37.42 27.92
N ALA A 769 14.58 -45.66 18.66
CA ALA A 769 15.18 -46.06 17.40
C ALA A 769 14.17 -45.87 16.26
N ASN A 770 13.94 -46.93 15.48
CA ASN A 770 13.00 -46.88 14.37
C ASN A 770 11.58 -47.28 14.77
N LYS A 771 11.35 -47.55 16.06
CA LYS A 771 10.02 -47.95 16.52
C LYS A 771 9.02 -46.82 16.44
N ASP A 772 9.46 -45.57 16.25
CA ASP A 772 8.52 -44.46 16.13
C ASP A 772 7.59 -44.64 14.94
N LYS A 773 8.08 -45.29 13.88
CA LYS A 773 7.20 -45.59 12.75
C LYS A 773 6.07 -46.52 13.16
N GLN A 774 6.36 -47.51 14.01
CA GLN A 774 5.31 -48.37 14.53
C GLN A 774 4.32 -47.58 15.37
N GLU A 775 4.82 -46.61 16.15
CA GLU A 775 3.92 -45.77 16.94
C GLU A 775 3.02 -44.94 16.04
N LEU A 776 3.57 -44.40 14.95
CA LEU A 776 2.74 -43.66 14.01
C LEU A 776 1.69 -44.56 13.37
N LYS A 777 2.06 -45.79 13.02
CA LYS A 777 1.09 -46.72 12.46
C LYS A 777 -0.01 -47.02 13.46
N SER A 778 0.36 -47.23 14.74
CA SER A 778 -0.64 -47.51 15.77
C SER A 778 -1.59 -46.33 15.93
N ILE A 779 -1.06 -45.11 15.91
CA ILE A 779 -1.92 -43.94 15.97
C ILE A 779 -2.86 -43.91 14.76
N ALA A 780 -2.32 -44.18 13.57
CA ALA A 780 -3.11 -44.09 12.36
C ALA A 780 -4.27 -45.08 12.38
N ASP A 781 -4.00 -46.33 12.78
CA ASP A 781 -5.06 -47.34 12.78
C ASP A 781 -6.03 -47.16 13.94
N SER A 782 -5.64 -46.40 14.98
CA SER A 782 -6.57 -46.12 16.06
C SER A 782 -7.65 -45.13 15.65
N LEU A 783 -7.43 -44.36 14.58
CA LEU A 783 -8.41 -43.40 14.15
C LEU A 783 -9.65 -44.11 13.58
N PRO A 784 -10.83 -43.54 13.76
CA PRO A 784 -12.04 -44.16 13.18
C PRO A 784 -11.93 -44.22 11.67
N PRO A 785 -12.44 -45.28 11.05
CA PRO A 785 -12.32 -45.41 9.60
C PRO A 785 -13.10 -44.32 8.90
N PRO A 786 -12.60 -43.82 7.76
CA PRO A 786 -13.41 -42.84 7.00
C PRO A 786 -14.75 -43.39 6.57
N SER A 787 -14.85 -44.70 6.32
CA SER A 787 -16.11 -45.28 5.90
C SER A 787 -17.18 -45.10 6.97
N SER A 788 -16.80 -45.20 8.25
CA SER A 788 -17.75 -45.01 9.33
C SER A 788 -18.22 -43.56 9.44
N LEU A 789 -17.46 -42.61 8.90
CA LEU A 789 -17.78 -41.19 8.99
C LEU A 789 -18.00 -40.67 7.56
N VAL A 790 -19.25 -40.76 7.10
CA VAL A 790 -19.65 -40.26 5.79
C VAL A 790 -20.67 -39.16 6.02
N GLY A 791 -20.45 -38.01 5.40
CA GLY A 791 -21.32 -36.87 5.58
C GLY A 791 -21.06 -36.08 6.85
N PHE A 792 -19.99 -36.40 7.58
CA PHE A 792 -19.63 -35.69 8.80
C PHE A 792 -18.43 -34.81 8.51
N ARG A 793 -18.56 -33.52 8.78
CA ARG A 793 -17.49 -32.56 8.55
C ARG A 793 -17.46 -31.56 9.71
N LEU A 794 -16.28 -31.00 9.94
CA LEU A 794 -16.10 -29.95 10.93
C LEU A 794 -15.97 -28.61 10.22
N THR A 795 -16.59 -27.58 10.77
CA THR A 795 -16.59 -26.26 10.14
C THR A 795 -15.31 -25.51 10.51
N PRO A 796 -14.45 -25.19 9.55
CA PRO A 796 -13.28 -24.37 9.87
C PRO A 796 -13.64 -22.90 10.04
N ALA A 797 -12.75 -22.18 10.70
CA ALA A 797 -12.94 -20.75 10.96
C ALA A 797 -12.11 -19.96 9.97
N GLU A 798 -12.77 -19.16 9.13
CA GLU A 798 -12.11 -18.32 8.14
C GLU A 798 -12.09 -16.89 8.68
N PHE A 799 -10.89 -16.33 8.79
CA PHE A 799 -10.73 -15.05 9.46
C PHE A 799 -11.56 -13.97 8.78
N GLU A 800 -12.24 -13.16 9.59
CA GLU A 800 -13.11 -12.11 9.09
C GLU A 800 -13.05 -10.95 10.07
N LYS A 801 -12.39 -9.86 9.69
CA LYS A 801 -12.22 -8.72 10.56
C LYS A 801 -13.49 -7.86 10.65
N ASP A 802 -14.24 -7.75 9.55
CA ASP A 802 -15.32 -6.78 9.46
C ASP A 802 -16.57 -7.19 10.22
N ASP A 803 -16.69 -8.45 10.62
CA ASP A 803 -17.84 -8.91 11.40
C ASP A 803 -17.46 -8.90 12.87
N ASP A 804 -18.30 -8.28 13.69
CA ASP A 804 -18.03 -8.11 15.11
C ASP A 804 -18.82 -9.08 15.99
N SER A 805 -19.28 -10.19 15.41
CA SER A 805 -20.03 -11.19 16.17
C SER A 805 -19.50 -12.61 15.92
N ASN A 806 -18.35 -12.76 15.27
CA ASN A 806 -17.75 -14.06 15.03
C ASN A 806 -16.62 -14.39 15.99
N HIS A 807 -16.30 -13.48 16.92
CA HIS A 807 -15.31 -13.70 17.96
C HIS A 807 -13.88 -13.82 17.43
N HIS A 808 -13.62 -13.35 16.20
CA HIS A 808 -12.28 -13.46 15.66
C HIS A 808 -11.37 -12.37 16.22
N ILE A 809 -11.76 -11.10 16.06
CA ILE A 809 -10.97 -10.02 16.62
C ILE A 809 -11.00 -10.06 18.14
N ASP A 810 -12.10 -10.53 18.73
CA ASP A 810 -12.14 -10.69 20.18
C ASP A 810 -11.09 -11.67 20.66
N PHE A 811 -11.01 -12.84 20.01
CA PHE A 811 -10.01 -13.83 20.40
C PHE A 811 -8.60 -13.30 20.17
N ILE A 812 -8.36 -12.67 19.03
CA ILE A 812 -7.01 -12.19 18.73
C ILE A 812 -6.61 -11.11 19.72
N THR A 813 -7.53 -10.21 20.07
CA THR A 813 -7.22 -9.18 21.05
C THR A 813 -6.93 -9.79 22.41
N ALA A 814 -7.74 -10.75 22.84
CA ALA A 814 -7.52 -11.36 24.14
C ALA A 814 -6.17 -12.08 24.20
N ALA A 815 -5.87 -12.87 23.18
CA ALA A 815 -4.60 -13.59 23.16
C ALA A 815 -3.41 -12.63 23.10
N SER A 816 -3.52 -11.60 22.27
CA SER A 816 -2.43 -10.63 22.15
C SER A 816 -2.20 -9.92 23.47
N ASN A 817 -3.27 -9.49 24.14
CA ASN A 817 -3.11 -8.76 25.40
C ASN A 817 -2.59 -9.68 26.49
N LEU A 818 -3.01 -10.94 26.51
CA LEU A 818 -2.48 -11.88 27.50
C LEU A 818 -0.99 -12.12 27.28
N ARG A 819 -0.56 -12.29 26.02
CA ARG A 819 0.86 -12.48 25.78
C ARG A 819 1.65 -11.21 26.06
N ALA A 820 1.04 -10.04 25.85
CA ALA A 820 1.69 -8.80 26.27
C ALA A 820 1.86 -8.74 27.78
N MET A 821 0.84 -9.19 28.52
CA MET A 821 0.96 -9.27 29.97
C MET A 821 2.04 -10.25 30.38
N ASN A 822 2.27 -11.30 29.58
CA ASN A 822 3.36 -12.23 29.88
C ASN A 822 4.71 -11.52 29.87
N TYR A 823 4.95 -10.69 28.85
CA TYR A 823 6.24 -10.06 28.65
C TYR A 823 6.26 -8.60 29.10
N ASP A 824 5.24 -8.16 29.83
CA ASP A 824 5.17 -6.78 30.33
C ASP A 824 5.22 -5.78 29.18
N ILE A 825 4.44 -6.05 28.15
CA ILE A 825 4.25 -5.13 27.03
C ILE A 825 2.92 -4.42 27.24
N THR A 826 2.82 -3.20 26.76
CA THR A 826 1.61 -2.42 26.98
C THR A 826 0.50 -2.94 26.07
N PRO A 827 -0.61 -3.42 26.61
CA PRO A 827 -1.68 -3.96 25.75
C PRO A 827 -2.38 -2.88 24.95
N ALA A 828 -2.96 -3.30 23.83
CA ALA A 828 -3.75 -2.45 22.96
C ALA A 828 -5.23 -2.78 23.13
N ASP A 829 -6.07 -2.13 22.34
CA ASP A 829 -7.51 -2.33 22.35
C ASP A 829 -7.95 -2.99 21.05
N ARG A 830 -9.26 -3.22 20.93
CA ARG A 830 -9.78 -3.88 19.74
C ARG A 830 -9.57 -3.05 18.49
N PHE A 831 -9.56 -1.72 18.62
CA PHE A 831 -9.40 -0.86 17.45
C PHE A 831 -8.02 -1.07 16.81
N LYS A 832 -6.96 -0.95 17.60
CA LYS A 832 -5.61 -1.13 17.08
C LYS A 832 -5.36 -2.58 16.70
N THR A 833 -5.91 -3.52 17.45
CA THR A 833 -5.76 -4.93 17.11
C THR A 833 -6.38 -5.22 15.75
N LYS A 834 -7.55 -4.65 15.48
CA LYS A 834 -8.19 -4.84 14.18
C LYS A 834 -7.38 -4.15 13.08
N PHE A 835 -6.80 -2.99 13.39
CA PHE A 835 -5.97 -2.31 12.39
C PHE A 835 -4.75 -3.15 12.01
N VAL A 836 -4.10 -3.75 13.01
CA VAL A 836 -2.86 -4.48 12.75
C VAL A 836 -3.14 -5.86 12.15
N ALA A 837 -4.01 -6.64 12.81
CA ALA A 837 -4.28 -8.00 12.36
C ALA A 837 -4.97 -8.01 11.01
N GLY A 838 -5.91 -7.09 10.78
CA GLY A 838 -6.64 -7.06 9.53
C GLY A 838 -5.87 -6.48 8.36
N LYS A 839 -4.69 -5.90 8.61
CA LYS A 839 -3.91 -5.25 7.57
C LYS A 839 -4.76 -4.22 6.82
N ILE A 840 -5.49 -3.42 7.59
CA ILE A 840 -6.37 -2.43 7.01
C ILE A 840 -5.55 -1.28 6.45
N VAL A 841 -5.96 -0.78 5.29
CA VAL A 841 -5.33 0.37 4.65
C VAL A 841 -6.18 1.60 4.97
N PRO A 842 -5.64 2.60 5.67
CA PRO A 842 -6.42 3.81 5.91
C PRO A 842 -6.84 4.46 4.60
N ALA A 843 -8.08 4.94 4.56
CA ALA A 843 -8.65 5.48 3.33
C ALA A 843 -9.43 6.74 3.63
N MET A 844 -9.43 7.65 2.66
CA MET A 844 -10.12 8.92 2.77
C MET A 844 -10.81 9.22 1.45
N CYS A 845 -11.91 9.95 1.51
CA CYS A 845 -12.61 10.33 0.30
C CYS A 845 -11.91 11.47 -0.43
N THR A 846 -11.28 12.38 0.30
CA THR A 846 -10.61 13.51 -0.31
C THR A 846 -9.42 13.07 -1.16
N SER A 847 -8.62 12.14 -0.65
CA SER A 847 -7.49 11.63 -1.42
C SER A 847 -7.97 10.92 -2.69
N THR A 848 -9.05 10.16 -2.57
CA THR A 848 -9.64 9.50 -3.73
C THR A 848 -10.06 10.53 -4.78
N ALA A 849 -10.71 11.61 -4.34
CA ALA A 849 -11.11 12.65 -5.28
C ALA A 849 -9.90 13.26 -5.98
N VAL A 850 -8.84 13.55 -5.22
CA VAL A 850 -7.66 14.17 -5.81
C VAL A 850 -7.02 13.25 -6.86
N VAL A 851 -6.89 11.96 -6.53
CA VAL A 851 -6.24 11.06 -7.47
C VAL A 851 -7.09 10.86 -8.72
N SER A 852 -8.42 10.79 -8.55
CA SER A 852 -9.29 10.67 -9.71
C SER A 852 -9.17 11.90 -10.61
N GLY A 853 -9.10 13.08 -10.01
CA GLY A 853 -8.92 14.30 -10.80
C GLY A 853 -7.63 14.28 -11.59
N LEU A 854 -6.53 13.90 -10.94
CA LEU A 854 -5.25 13.84 -11.65
C LEU A 854 -5.27 12.81 -12.78
N VAL A 855 -5.85 11.64 -12.50
CA VAL A 855 -5.90 10.60 -13.52
C VAL A 855 -6.72 11.06 -14.72
N CYS A 856 -7.85 11.73 -14.47
CA CYS A 856 -8.66 12.21 -15.58
C CYS A 856 -8.03 13.40 -16.29
N LEU A 857 -7.10 14.11 -15.64
CA LEU A 857 -6.34 15.13 -16.35
C LEU A 857 -5.28 14.51 -17.26
N GLU A 858 -4.73 13.35 -16.87
CA GLU A 858 -3.82 12.65 -17.77
C GLU A 858 -4.55 11.90 -18.88
N LEU A 859 -5.81 11.54 -18.64
CA LEU A 859 -6.56 10.79 -19.64
C LEU A 859 -6.73 11.60 -20.92
N VAL A 860 -6.98 12.90 -20.80
CA VAL A 860 -7.15 13.72 -22.00
C VAL A 860 -5.84 13.86 -22.77
N LYS A 861 -4.71 13.82 -22.06
CA LYS A 861 -3.43 13.73 -22.76
C LYS A 861 -3.33 12.44 -23.56
N LEU A 862 -3.75 11.33 -22.94
CA LEU A 862 -3.73 10.05 -23.67
C LEU A 862 -4.63 10.10 -24.90
N VAL A 863 -5.83 10.67 -24.76
CA VAL A 863 -6.78 10.71 -25.87
C VAL A 863 -6.20 11.52 -27.02
N ASP A 864 -5.55 12.64 -26.72
CA ASP A 864 -4.95 13.46 -27.76
C ASP A 864 -3.78 12.79 -28.44
N GLY A 865 -3.24 11.72 -27.86
CA GLY A 865 -2.11 11.03 -28.46
C GLY A 865 -0.83 11.84 -28.48
N LYS A 866 -0.50 12.50 -27.37
CA LYS A 866 0.74 13.26 -27.29
C LYS A 866 1.94 12.32 -27.33
N LYS A 867 2.98 12.72 -28.06
CA LYS A 867 4.13 11.88 -28.33
C LYS A 867 5.32 12.18 -27.42
N LYS A 868 5.55 13.45 -27.08
CA LYS A 868 6.70 13.81 -26.26
C LYS A 868 6.49 13.37 -24.82
N ILE A 869 7.59 13.02 -24.16
CA ILE A 869 7.52 12.54 -22.78
C ILE A 869 7.50 13.65 -21.76
N GLU A 870 7.78 14.89 -22.16
CA GLU A 870 7.71 16.02 -21.25
C GLU A 870 6.29 16.55 -21.08
N GLU A 871 5.35 16.07 -21.88
CA GLU A 871 3.96 16.51 -21.79
C GLU A 871 3.14 15.70 -20.80
N TYR A 872 3.67 14.60 -20.30
CA TYR A 872 2.99 13.77 -19.31
C TYR A 872 3.56 14.05 -17.93
N LYS A 873 2.72 13.84 -16.90
CA LYS A 873 3.11 14.08 -15.53
C LYS A 873 2.66 12.94 -14.64
N ASN A 874 3.61 12.39 -13.89
CA ASN A 874 3.30 11.57 -12.73
C ASN A 874 3.20 12.47 -11.52
N GLY A 875 2.18 12.25 -10.70
CA GLY A 875 1.86 13.13 -9.59
C GLY A 875 1.97 12.42 -8.26
N PHE A 876 2.44 13.15 -7.25
CA PHE A 876 2.50 12.66 -5.88
C PHE A 876 2.00 13.78 -4.98
N PHE A 877 1.31 13.42 -3.90
CA PHE A 877 0.84 14.44 -2.99
C PHE A 877 0.64 13.84 -1.59
N ASN A 878 0.70 14.73 -0.62
CA ASN A 878 0.36 14.44 0.77
C ASN A 878 -0.47 15.61 1.28
N LEU A 879 -1.76 15.36 1.52
CA LEU A 879 -2.66 16.43 1.92
C LEU A 879 -2.50 16.83 3.39
N ALA A 880 -1.87 15.99 4.21
CA ALA A 880 -1.68 16.34 5.61
C ALA A 880 -0.71 17.51 5.77
N ILE A 881 0.30 17.59 4.90
CA ILE A 881 1.27 18.68 4.92
C ILE A 881 1.06 19.65 3.78
N GLY A 882 0.09 19.41 2.90
CA GLY A 882 -0.14 20.27 1.76
C GLY A 882 0.96 20.23 0.73
N LEU A 883 1.47 19.06 0.40
CA LEU A 883 2.55 18.89 -0.56
C LEU A 883 2.02 18.30 -1.85
N PHE A 884 2.33 18.95 -2.97
CA PHE A 884 2.04 18.44 -4.31
C PHE A 884 3.32 18.50 -5.12
N THR A 885 3.57 17.46 -5.91
CA THR A 885 4.76 17.45 -6.76
C THR A 885 4.50 16.60 -7.99
N PHE A 886 5.11 16.98 -9.10
CA PHE A 886 4.91 16.31 -10.38
C PHE A 886 6.25 16.10 -11.05
N SER A 887 6.34 15.08 -11.89
CA SER A 887 7.58 14.77 -12.57
C SER A 887 7.29 14.04 -13.87
N ASP A 888 8.15 14.25 -14.86
CA ASP A 888 7.98 13.57 -16.14
C ASP A 888 8.18 12.07 -15.97
N PRO A 889 7.49 11.24 -16.74
CA PRO A 889 7.75 9.81 -16.70
C PRO A 889 9.14 9.47 -17.23
N ILE A 890 9.63 8.31 -16.82
CA ILE A 890 10.95 7.85 -17.23
C ILE A 890 10.83 7.15 -18.57
N ALA A 891 11.66 7.56 -19.53
CA ALA A 891 11.65 6.93 -20.85
C ALA A 891 12.16 5.51 -20.78
N SER A 892 11.60 4.66 -21.63
CA SER A 892 12.00 3.25 -21.63
C SER A 892 13.44 3.12 -22.09
N PRO A 893 14.24 2.29 -21.41
CA PRO A 893 15.65 2.15 -21.82
C PRO A 893 15.78 1.50 -23.18
N LYS A 894 16.81 1.92 -23.91
CA LYS A 894 17.13 1.37 -25.22
C LYS A 894 18.34 0.46 -25.11
N MET A 895 18.58 -0.30 -26.18
CA MET A 895 19.69 -1.24 -26.23
C MET A 895 20.06 -1.48 -27.67
N LYS A 896 21.24 -2.07 -27.87
CA LYS A 896 21.75 -2.41 -29.19
C LYS A 896 21.79 -3.93 -29.33
N VAL A 897 21.07 -4.46 -30.31
CA VAL A 897 21.05 -5.89 -30.61
C VAL A 897 21.36 -6.05 -32.09
N ASN A 898 22.44 -6.77 -32.40
CA ASN A 898 22.87 -6.96 -33.78
C ASN A 898 23.02 -5.61 -34.50
N GLY A 899 23.54 -4.62 -33.77
CA GLY A 899 23.68 -3.28 -34.32
C GLY A 899 22.38 -2.63 -34.68
N LYS A 900 21.31 -2.89 -33.92
CA LYS A 900 20.01 -2.27 -34.15
C LYS A 900 19.46 -1.77 -32.83
N GLU A 901 18.67 -0.69 -32.91
CA GLU A 901 18.09 -0.07 -31.72
C GLU A 901 16.85 -0.85 -31.31
N ILE A 902 16.82 -1.29 -30.05
CA ILE A 902 15.72 -2.09 -29.53
C ILE A 902 15.25 -1.47 -28.22
N ASP A 903 13.93 -1.30 -28.10
CA ASP A 903 13.34 -0.91 -26.83
C ASP A 903 13.30 -2.11 -25.89
N LYS A 904 13.81 -1.94 -24.67
CA LYS A 904 13.93 -3.06 -23.76
C LYS A 904 12.58 -3.51 -23.19
N ILE A 905 11.53 -2.73 -23.35
CA ILE A 905 10.25 -2.98 -22.71
C ILE A 905 9.17 -3.31 -23.74
N TRP A 906 9.07 -2.51 -24.80
CA TRP A 906 7.93 -2.57 -25.70
C TRP A 906 8.21 -3.31 -26.99
N ASP A 907 9.38 -3.92 -27.15
CA ASP A 907 9.72 -4.65 -28.35
C ASP A 907 9.71 -6.15 -28.10
N ARG A 908 9.37 -6.92 -29.14
CA ARG A 908 9.31 -8.36 -29.02
C ARG A 908 9.53 -8.97 -30.40
N TYR A 909 9.85 -10.26 -30.41
CA TYR A 909 9.96 -11.04 -31.63
C TYR A 909 8.65 -11.73 -31.93
N ASN A 910 8.22 -11.68 -33.19
CA ASN A 910 7.03 -12.38 -33.65
C ASN A 910 7.47 -13.50 -34.57
N LEU A 911 7.22 -14.73 -34.15
CA LEU A 911 7.63 -15.92 -34.89
C LEU A 911 6.44 -16.85 -35.06
N PRO A 912 6.44 -17.68 -36.11
CA PRO A 912 5.38 -18.68 -36.24
C PRO A 912 5.56 -19.82 -35.25
N ASP A 913 4.64 -20.80 -35.26
CA ASP A 913 4.75 -21.96 -34.39
C ASP A 913 5.70 -22.97 -35.05
N CYS A 914 6.98 -22.61 -35.05
CA CYS A 914 8.02 -23.44 -35.65
C CYS A 914 8.50 -24.48 -34.63
N THR A 915 9.52 -25.23 -34.99
CA THR A 915 10.11 -26.21 -34.10
C THR A 915 11.22 -25.56 -33.27
N LEU A 916 11.65 -26.26 -32.22
CA LEU A 916 12.72 -25.73 -31.37
C LEU A 916 14.00 -25.59 -32.18
N GLN A 917 14.33 -26.59 -33.00
CA GLN A 917 15.53 -26.50 -33.83
C GLN A 917 15.43 -25.33 -34.79
N GLU A 918 14.26 -25.13 -35.39
CA GLU A 918 14.10 -24.02 -36.33
C GLU A 918 14.20 -22.68 -35.62
N LEU A 919 13.67 -22.59 -34.39
CA LEU A 919 13.81 -21.35 -33.62
C LEU A 919 15.28 -21.04 -33.34
N ILE A 920 16.03 -22.06 -32.91
CA ILE A 920 17.45 -21.86 -32.64
C ILE A 920 18.19 -21.45 -33.91
N ASP A 921 17.89 -22.12 -35.02
CA ASP A 921 18.56 -21.79 -36.27
C ASP A 921 18.20 -20.38 -36.73
N TYR A 922 16.95 -19.96 -36.53
CA TYR A 922 16.56 -18.60 -36.88
C TYR A 922 17.34 -17.58 -36.07
N PHE A 923 17.46 -17.81 -34.76
CA PHE A 923 18.20 -16.86 -33.94
C PHE A 923 19.69 -16.87 -34.29
N GLN A 924 20.23 -18.01 -34.72
CA GLN A 924 21.63 -18.04 -35.12
C GLN A 924 21.85 -17.30 -36.43
N LYS A 925 21.00 -17.56 -37.43
CA LYS A 925 21.20 -16.98 -38.75
C LYS A 925 20.79 -15.50 -38.79
N GLU A 926 19.67 -15.15 -38.15
CA GLU A 926 19.13 -13.81 -38.31
C GLU A 926 19.82 -12.80 -37.37
N GLU A 927 19.79 -13.08 -36.07
CA GLU A 927 20.34 -12.16 -35.08
C GLU A 927 21.81 -12.42 -34.79
N GLY A 928 22.39 -13.50 -35.33
CA GLY A 928 23.77 -13.82 -35.02
C GLY A 928 24.02 -14.21 -33.60
N LEU A 929 23.00 -14.67 -32.88
CA LEU A 929 23.09 -14.99 -31.47
C LEU A 929 22.89 -16.48 -31.26
N GLU A 930 23.53 -17.01 -30.22
CA GLU A 930 23.38 -18.41 -29.84
C GLU A 930 22.43 -18.51 -28.67
N VAL A 931 21.40 -19.33 -28.82
CA VAL A 931 20.40 -19.49 -27.77
C VAL A 931 20.95 -20.42 -26.70
N THR A 932 20.87 -19.98 -25.44
CA THR A 932 21.33 -20.76 -24.30
C THR A 932 20.22 -21.22 -23.39
N MET A 933 19.18 -20.41 -23.21
CA MET A 933 18.04 -20.80 -22.37
C MET A 933 16.76 -20.30 -23.00
N LEU A 934 15.72 -21.14 -22.97
CA LEU A 934 14.40 -20.82 -23.49
C LEU A 934 13.38 -21.33 -22.48
N SER A 935 12.57 -20.42 -21.94
CA SER A 935 11.60 -20.77 -20.92
C SER A 935 10.25 -20.14 -21.26
N SER A 936 9.19 -20.78 -20.77
CA SER A 936 7.83 -20.28 -20.95
C SER A 936 7.07 -20.47 -19.65
N GLY A 937 6.50 -19.39 -19.14
CA GLY A 937 5.75 -19.47 -17.91
C GLY A 937 6.64 -19.78 -16.72
N VAL A 938 6.53 -21.00 -16.20
CA VAL A 938 7.35 -21.43 -15.07
C VAL A 938 8.06 -22.73 -15.43
N SER A 939 8.36 -22.92 -16.70
CA SER A 939 8.99 -24.15 -17.19
C SER A 939 10.24 -23.80 -17.99
N LEU A 940 11.21 -24.72 -17.97
CA LEU A 940 12.45 -24.58 -18.71
C LEU A 940 12.33 -25.44 -19.97
N LEU A 941 11.95 -24.81 -21.08
CA LEU A 941 11.77 -25.56 -22.32
C LEU A 941 13.09 -26.08 -22.86
N TYR A 942 14.15 -25.28 -22.76
CA TYR A 942 15.43 -25.64 -23.36
C TYR A 942 16.56 -24.97 -22.59
N ALA A 943 17.62 -25.73 -22.35
CA ALA A 943 18.83 -25.18 -21.75
C ALA A 943 20.04 -25.77 -22.44
N ASN A 944 21.11 -24.98 -22.54
CA ASN A 944 22.29 -25.41 -23.27
C ASN A 944 23.02 -26.56 -22.58
N PHE A 945 22.80 -26.76 -21.28
CA PHE A 945 23.53 -27.75 -20.50
C PHE A 945 22.77 -29.06 -20.35
N GLN A 946 21.62 -29.21 -20.98
CA GLN A 946 20.85 -30.44 -20.83
C GLN A 946 21.54 -31.59 -21.55
N PRO A 947 21.30 -32.83 -21.12
CA PRO A 947 22.00 -33.96 -21.73
C PRO A 947 21.61 -34.11 -23.18
N PRO A 948 22.51 -34.64 -24.02
CA PRO A 948 22.22 -34.72 -25.46
C PRO A 948 20.97 -35.54 -25.78
N LYS A 949 20.67 -36.58 -25.01
CA LYS A 949 19.49 -37.41 -25.31
C LYS A 949 18.21 -36.59 -25.16
N LYS A 950 18.09 -35.86 -24.06
CA LYS A 950 16.89 -35.06 -23.84
C LYS A 950 16.70 -34.04 -24.94
N LEU A 951 17.78 -33.35 -25.34
CA LEU A 951 17.69 -32.39 -26.42
C LEU A 951 17.27 -33.06 -27.72
N ALA A 952 17.97 -34.15 -28.09
CA ALA A 952 17.65 -34.84 -29.34
C ALA A 952 16.21 -35.30 -29.35
N GLU A 953 15.62 -35.55 -28.17
CA GLU A 953 14.21 -35.87 -28.12
C GLU A 953 13.34 -34.62 -28.27
N ARG A 954 13.78 -33.49 -27.73
CA ARG A 954 12.99 -32.27 -27.69
C ARG A 954 13.22 -31.33 -28.86
N LEU A 955 14.14 -31.63 -29.77
CA LEU A 955 14.46 -30.68 -30.82
C LEU A 955 13.38 -30.61 -31.90
N PRO A 956 12.97 -31.74 -32.50
CA PRO A 956 12.07 -31.67 -33.66
C PRO A 956 10.62 -31.37 -33.32
N LEU A 957 10.30 -31.01 -32.08
CA LEU A 957 8.92 -30.72 -31.69
C LEU A 957 8.61 -29.23 -31.86
N LYS A 958 7.37 -28.95 -32.24
CA LYS A 958 6.92 -27.56 -32.30
C LYS A 958 6.85 -26.97 -30.90
N ILE A 959 6.85 -25.64 -30.84
CA ILE A 959 6.89 -24.97 -29.55
C ILE A 959 5.65 -25.29 -28.73
N SER A 960 4.47 -25.30 -29.38
CA SER A 960 3.25 -25.64 -28.66
C SER A 960 3.29 -27.07 -28.15
N GLU A 961 3.77 -28.01 -28.98
CA GLU A 961 3.90 -29.39 -28.53
C GLU A 961 4.88 -29.50 -27.37
N LEU A 962 6.01 -28.78 -27.47
CA LEU A 962 7.00 -28.84 -26.39
C LEU A 962 6.43 -28.31 -25.09
N VAL A 963 5.69 -27.19 -25.15
CA VAL A 963 5.10 -26.63 -23.94
C VAL A 963 4.08 -27.58 -23.36
N GLU A 964 3.22 -28.17 -24.20
CA GLU A 964 2.23 -29.11 -23.70
C GLU A 964 2.89 -30.32 -23.06
N GLN A 965 3.95 -30.84 -23.68
CA GLN A 965 4.62 -32.01 -23.15
C GLN A 965 5.30 -31.71 -21.82
N ILE A 966 6.00 -30.58 -21.73
CA ILE A 966 6.74 -30.27 -20.51
C ILE A 966 5.78 -29.94 -19.37
N THR A 967 4.71 -29.19 -19.67
CA THR A 967 3.74 -28.84 -18.63
C THR A 967 2.70 -29.93 -18.40
N LYS A 968 2.60 -30.91 -19.30
CA LYS A 968 1.58 -31.95 -19.21
C LYS A 968 0.19 -31.33 -19.07
N LYS A 969 -0.06 -30.29 -19.85
CA LYS A 969 -1.33 -29.58 -19.79
C LYS A 969 -1.60 -28.98 -21.17
N LYS A 970 -2.60 -29.51 -21.86
CA LYS A 970 -2.90 -29.04 -23.21
C LYS A 970 -3.32 -27.57 -23.18
N LEU A 971 -2.92 -26.84 -24.22
CA LEU A 971 -3.29 -25.43 -24.34
C LEU A 971 -4.79 -25.30 -24.59
N GLU A 972 -5.40 -24.30 -23.95
CA GLU A 972 -6.83 -24.12 -24.07
C GLU A 972 -7.18 -23.63 -25.48
N PRO A 973 -8.42 -23.89 -25.92
CA PRO A 973 -8.80 -23.43 -27.28
C PRO A 973 -8.71 -21.93 -27.47
N PHE A 974 -8.91 -21.14 -26.41
CA PHE A 974 -8.86 -19.69 -26.54
C PHE A 974 -7.43 -19.15 -26.56
N ARG A 975 -6.43 -19.99 -26.31
CA ARG A 975 -5.05 -19.55 -26.27
C ARG A 975 -4.55 -19.31 -27.69
N LYS A 976 -4.20 -18.06 -27.99
CA LYS A 976 -3.81 -17.66 -29.34
C LYS A 976 -2.34 -17.30 -29.48
N HIS A 977 -1.59 -17.28 -28.38
CA HIS A 977 -0.17 -16.93 -28.45
C HIS A 977 0.56 -17.51 -27.26
N LEU A 978 1.88 -17.57 -27.39
CA LEU A 978 2.78 -17.96 -26.31
C LEU A 978 3.83 -16.87 -26.14
N VAL A 979 4.16 -16.57 -24.90
CA VAL A 979 5.22 -15.62 -24.57
C VAL A 979 6.40 -16.42 -24.04
N LEU A 980 7.55 -16.27 -24.69
CA LEU A 980 8.75 -17.01 -24.34
C LEU A 980 9.86 -16.06 -23.92
N GLU A 981 10.57 -16.42 -22.86
CA GLU A 981 11.77 -15.72 -22.45
C GLU A 981 12.98 -16.47 -22.97
N ILE A 982 13.95 -15.73 -23.50
CA ILE A 982 15.12 -16.33 -24.12
C ILE A 982 16.37 -15.61 -23.61
N CYS A 983 17.37 -16.38 -23.19
CA CYS A 983 18.69 -15.89 -22.87
C CYS A 983 19.67 -16.45 -23.88
N CYS A 984 20.41 -15.57 -24.54
CA CYS A 984 21.32 -15.95 -25.61
C CYS A 984 22.68 -15.28 -25.43
N ASP A 985 23.70 -15.92 -26.00
CA ASP A 985 25.07 -15.43 -25.94
C ASP A 985 25.56 -15.13 -27.36
N ASP A 986 26.38 -14.10 -27.48
CA ASP A 986 26.89 -13.68 -28.78
C ASP A 986 28.03 -14.60 -29.20
N ALA A 987 28.63 -14.30 -30.35
CA ALA A 987 29.74 -15.11 -30.86
C ALA A 987 30.93 -15.07 -29.91
N ASN A 988 31.23 -13.90 -29.36
CA ASN A 988 32.35 -13.75 -28.44
C ASN A 988 32.09 -14.38 -27.07
N GLY A 989 30.85 -14.81 -26.81
CA GLY A 989 30.50 -15.35 -25.51
C GLY A 989 29.91 -14.35 -24.54
N GLU A 990 29.86 -13.07 -24.91
CA GLU A 990 29.24 -12.07 -24.06
C GLU A 990 27.73 -12.25 -24.04
N ASP A 991 27.15 -12.20 -22.84
CA ASP A 991 25.70 -12.33 -22.69
C ASP A 991 25.03 -11.03 -23.13
N VAL A 992 24.07 -11.15 -24.04
CA VAL A 992 23.33 -10.01 -24.58
C VAL A 992 21.85 -10.22 -24.31
N GLU A 993 21.21 -9.20 -23.75
CA GLU A 993 19.79 -9.27 -23.45
C GLU A 993 18.97 -9.03 -24.72
N VAL A 994 17.87 -9.75 -24.84
CA VAL A 994 16.99 -9.63 -26.00
C VAL A 994 15.55 -9.56 -25.53
N PRO A 995 14.66 -8.98 -26.34
CA PRO A 995 13.25 -8.94 -25.97
C PRO A 995 12.60 -10.30 -26.07
N PHE A 996 11.42 -10.42 -25.46
CA PHE A 996 10.74 -11.71 -25.40
C PHE A 996 10.21 -12.09 -26.78
N ILE A 997 9.77 -13.34 -26.90
CA ILE A 997 9.28 -13.90 -28.15
C ILE A 997 7.78 -14.10 -28.05
N CYS A 998 7.06 -13.75 -29.11
CA CYS A 998 5.62 -13.94 -29.20
C CYS A 998 5.34 -14.97 -30.29
N ILE A 999 5.18 -16.22 -29.88
CA ILE A 999 4.86 -17.30 -30.81
C ILE A 999 3.37 -17.26 -31.11
N LYS A 1000 3.02 -17.27 -32.39
CA LYS A 1000 1.62 -17.25 -32.82
C LYS A 1000 1.17 -18.67 -33.11
N LEU A 1001 0.25 -19.17 -32.30
CA LEU A 1001 -0.25 -20.53 -32.46
C LEU A 1001 -1.17 -20.63 -33.67
N MET B 1 28.82 22.75 -1.69
CA MET B 1 27.37 22.75 -2.03
C MET B 1 26.59 21.98 -0.97
N GLN B 2 25.45 22.52 -0.59
CA GLN B 2 24.55 21.90 0.39
C GLN B 2 23.14 21.92 -0.17
N ILE B 3 22.47 20.76 -0.15
CA ILE B 3 21.14 20.62 -0.71
C ILE B 3 20.22 20.03 0.35
N PHE B 4 18.91 20.17 0.11
CA PHE B 4 17.89 19.70 1.02
C PHE B 4 16.97 18.72 0.30
N VAL B 5 16.56 17.68 1.02
CA VAL B 5 15.66 16.67 0.51
C VAL B 5 14.44 16.61 1.42
N LYS B 6 13.26 16.74 0.85
CA LYS B 6 12.02 16.69 1.61
C LYS B 6 11.25 15.43 1.24
N THR B 7 10.85 14.68 2.26
CA THR B 7 10.12 13.44 2.07
C THR B 7 8.63 13.72 1.91
N LEU B 8 7.91 12.73 1.39
CA LEU B 8 6.47 12.85 1.27
C LEU B 8 5.76 12.87 2.62
N THR B 9 6.47 12.52 3.70
CA THR B 9 5.91 12.54 5.04
C THR B 9 6.31 13.79 5.83
N GLY B 10 7.05 14.71 5.23
CA GLY B 10 7.37 15.98 5.85
C GLY B 10 8.78 16.09 6.40
N LYS B 11 9.54 15.00 6.45
CA LYS B 11 10.89 15.06 7.00
C LYS B 11 11.81 15.82 6.06
N THR B 12 12.81 16.47 6.65
CA THR B 12 13.81 17.24 5.91
C THR B 12 15.19 16.70 6.19
N ILE B 13 16.01 16.62 5.13
CA ILE B 13 17.35 16.05 5.19
C ILE B 13 18.30 17.05 4.54
N THR B 14 19.47 17.21 5.12
CA THR B 14 20.51 18.09 4.58
C THR B 14 21.68 17.24 4.11
N LEU B 15 22.10 17.44 2.86
CA LEU B 15 23.20 16.71 2.27
C LEU B 15 24.30 17.66 1.84
N GLU B 16 25.55 17.30 2.13
CA GLU B 16 26.73 18.03 1.69
C GLU B 16 27.28 17.31 0.46
N VAL B 17 27.13 17.93 -0.71
CA VAL B 17 27.49 17.33 -1.98
C VAL B 17 28.33 18.32 -2.78
N GLU B 18 28.71 17.92 -3.99
CA GLU B 18 29.39 18.77 -4.95
C GLU B 18 28.73 18.62 -6.30
N SER B 19 28.90 19.65 -7.14
CA SER B 19 28.23 19.67 -8.44
C SER B 19 28.63 18.49 -9.32
N SER B 20 29.80 17.90 -9.08
CA SER B 20 30.27 16.79 -9.89
C SER B 20 29.82 15.43 -9.39
N ASP B 21 29.11 15.38 -8.26
CA ASP B 21 28.63 14.11 -7.74
C ASP B 21 27.58 13.51 -8.68
N THR B 22 27.64 12.19 -8.84
CA THR B 22 26.63 11.49 -9.60
C THR B 22 25.37 11.31 -8.75
N ILE B 23 24.27 10.94 -9.41
CA ILE B 23 23.05 10.67 -8.68
C ILE B 23 23.22 9.46 -7.77
N ASP B 24 24.11 8.53 -8.14
CA ASP B 24 24.34 7.36 -7.32
C ASP B 24 24.94 7.74 -5.97
N ASN B 25 25.89 8.69 -5.95
CA ASN B 25 26.46 9.14 -4.70
C ASN B 25 25.40 9.78 -3.81
N VAL B 26 24.53 10.61 -4.40
CA VAL B 26 23.48 11.24 -3.62
C VAL B 26 22.53 10.19 -3.05
N LYS B 27 22.19 9.18 -3.85
CA LYS B 27 21.33 8.13 -3.35
C LYS B 27 22.00 7.34 -2.22
N SER B 28 23.31 7.12 -2.32
CA SER B 28 24.03 6.45 -1.24
C SER B 28 24.02 7.28 0.03
N LYS B 29 24.20 8.60 -0.10
CA LYS B 29 24.12 9.47 1.07
C LYS B 29 22.73 9.42 1.70
N ILE B 30 21.69 9.44 0.87
CA ILE B 30 20.33 9.36 1.39
C ILE B 30 20.11 8.02 2.08
N GLN B 31 20.68 6.95 1.54
CA GLN B 31 20.58 5.65 2.21
C GLN B 31 21.28 5.69 3.56
N ASP B 32 22.45 6.31 3.63
CA ASP B 32 23.17 6.41 4.89
C ASP B 32 22.33 7.16 5.93
N LYS B 33 21.70 8.26 5.53
CA LYS B 33 20.94 9.06 6.48
C LYS B 33 19.54 8.52 6.74
N GLU B 34 19.03 7.60 5.92
CA GLU B 34 17.66 7.14 6.04
C GLU B 34 17.49 5.62 5.96
N GLY B 35 18.43 4.89 5.39
CA GLY B 35 18.29 3.45 5.27
C GLY B 35 17.42 3.00 4.13
N ILE B 36 17.14 3.87 3.16
CA ILE B 36 16.31 3.52 2.01
C ILE B 36 17.25 3.08 0.88
N PRO B 37 17.12 1.85 0.38
CA PRO B 37 18.03 1.42 -0.68
C PRO B 37 17.93 2.33 -1.89
N PRO B 38 19.05 2.56 -2.58
CA PRO B 38 19.01 3.46 -3.74
C PRO B 38 18.01 3.04 -4.81
N ASP B 39 17.76 1.75 -4.97
CA ASP B 39 16.85 1.28 -6.02
C ASP B 39 15.40 1.57 -5.69
N GLN B 40 15.09 1.99 -4.47
CA GLN B 40 13.72 2.31 -4.06
C GLN B 40 13.50 3.80 -3.87
N GLN B 41 14.46 4.64 -4.22
CA GLN B 41 14.38 6.08 -4.02
C GLN B 41 13.92 6.76 -5.31
N ARG B 42 12.95 7.65 -5.18
CA ARG B 42 12.45 8.46 -6.29
C ARG B 42 12.69 9.91 -5.96
N LEU B 43 13.67 10.52 -6.63
CA LEU B 43 14.07 11.90 -6.38
C LEU B 43 13.57 12.78 -7.51
N ILE B 44 12.97 13.92 -7.14
CA ILE B 44 12.40 14.85 -8.10
C ILE B 44 13.02 16.22 -7.85
N PHE B 45 13.49 16.85 -8.92
CA PHE B 45 13.99 18.22 -8.89
C PHE B 45 13.42 18.98 -10.08
N ALA B 46 12.71 20.08 -9.80
CA ALA B 46 12.20 20.97 -10.84
C ALA B 46 11.40 20.19 -11.88
N GLY B 47 10.59 19.25 -11.41
CA GLY B 47 9.72 18.51 -12.31
C GLY B 47 10.38 17.40 -13.09
N LYS B 48 11.63 17.07 -12.79
CA LYS B 48 12.35 15.99 -13.45
C LYS B 48 12.74 14.94 -12.41
N GLN B 49 12.50 13.68 -12.73
CA GLN B 49 12.94 12.60 -11.86
C GLN B 49 14.40 12.26 -12.15
N LEU B 50 15.22 12.26 -11.11
CA LEU B 50 16.65 12.06 -11.27
C LEU B 50 16.95 10.58 -11.54
N GLU B 51 17.78 10.33 -12.55
CA GLU B 51 18.09 8.98 -12.99
C GLU B 51 19.55 8.66 -12.72
N ASP B 52 19.81 7.41 -12.38
CA ASP B 52 21.17 6.97 -12.10
C ASP B 52 22.04 7.06 -13.34
N GLY B 53 23.32 7.37 -13.13
CA GLY B 53 24.29 7.46 -14.19
C GLY B 53 24.65 8.87 -14.60
N ARG B 54 23.85 9.85 -14.22
CA ARG B 54 24.08 11.24 -14.56
C ARG B 54 24.61 11.99 -13.33
N THR B 55 25.02 13.22 -13.55
CA THR B 55 25.56 14.07 -12.49
C THR B 55 24.55 15.12 -12.08
N LEU B 56 24.85 15.80 -10.98
CA LEU B 56 23.98 16.89 -10.52
C LEU B 56 23.95 18.03 -11.53
N SER B 57 25.11 18.37 -12.10
CA SER B 57 25.17 19.45 -13.07
C SER B 57 24.34 19.17 -14.31
N ASP B 58 24.04 17.89 -14.58
CA ASP B 58 23.16 17.57 -15.70
C ASP B 58 21.75 18.10 -15.47
N TYR B 59 21.34 18.22 -14.21
CA TYR B 59 20.03 18.76 -13.86
C TYR B 59 20.10 20.20 -13.38
N ASN B 60 21.27 20.83 -13.46
CA ASN B 60 21.45 22.21 -12.99
C ASN B 60 21.07 22.35 -11.52
N ILE B 61 21.42 21.34 -10.73
CA ILE B 61 21.20 21.39 -9.29
C ILE B 61 22.35 22.16 -8.66
N GLN B 62 22.03 23.25 -7.97
CA GLN B 62 22.99 24.13 -7.34
C GLN B 62 22.75 24.18 -5.84
N LYS B 63 23.50 25.03 -5.15
CA LYS B 63 23.43 25.08 -3.69
C LYS B 63 22.07 25.54 -3.23
N GLU B 64 21.63 24.98 -2.10
CA GLU B 64 20.33 25.27 -1.49
C GLU B 64 19.17 24.82 -2.36
N SER B 65 19.40 23.88 -3.27
CA SER B 65 18.31 23.31 -4.06
C SER B 65 17.49 22.35 -3.20
N THR B 66 16.22 22.19 -3.57
CA THR B 66 15.31 21.30 -2.86
C THR B 66 14.91 20.15 -3.77
N LEU B 67 15.12 18.93 -3.30
CA LEU B 67 14.67 17.71 -3.96
C LEU B 67 13.53 17.12 -3.17
N HIS B 68 12.71 16.32 -3.84
CA HIS B 68 11.59 15.63 -3.21
C HIS B 68 11.80 14.14 -3.32
N LEU B 69 11.68 13.44 -2.19
CA LEU B 69 11.81 11.99 -2.14
C LEU B 69 10.41 11.40 -1.99
N VAL B 70 9.94 10.71 -3.03
CA VAL B 70 8.56 10.28 -3.11
C VAL B 70 8.52 8.76 -3.23
N LEU B 71 7.30 8.22 -3.18
CA LEU B 71 7.11 6.78 -3.33
C LEU B 71 5.66 6.52 -3.76
N ARG B 72 5.45 5.33 -4.29
CA ARG B 72 4.12 4.91 -4.75
C ARG B 72 3.37 4.24 -3.59
N LEU B 73 2.04 4.25 -3.72
CA LEU B 73 1.15 3.78 -2.67
C LEU B 73 0.17 2.78 -3.27
N ARG B 74 -0.34 1.89 -2.43
CA ARG B 74 -1.02 0.68 -2.91
C ARG B 74 -2.50 0.63 -2.60
N GLY B 75 -3.08 1.65 -1.97
CA GLY B 75 -4.52 1.65 -1.76
C GLY B 75 -5.28 2.01 -3.03
N GLY B 76 -6.59 1.86 -2.96
CA GLY B 76 -7.44 2.20 -4.10
C GLY B 76 -8.86 1.68 -4.02
N ALA C 2 11.79 -12.79 -13.44
CA ALA C 2 12.31 -13.76 -12.49
C ALA C 2 13.04 -14.88 -13.22
N LEU C 3 12.46 -15.33 -14.33
CA LEU C 3 13.03 -16.45 -15.08
C LEU C 3 14.46 -16.14 -15.52
N LYS C 4 14.70 -14.92 -15.99
CA LYS C 4 16.03 -14.56 -16.47
C LYS C 4 17.07 -14.67 -15.38
N ARG C 5 16.79 -14.08 -14.22
CA ARG C 5 17.76 -14.11 -13.13
C ARG C 5 17.92 -15.52 -12.58
N ILE C 6 16.84 -16.29 -12.52
CA ILE C 6 16.94 -17.67 -12.03
C ILE C 6 17.85 -18.47 -12.94
N ASN C 7 17.67 -18.33 -14.26
CA ASN C 7 18.54 -19.05 -15.18
C ASN C 7 19.98 -18.55 -15.10
N ARG C 8 20.19 -17.25 -14.88
CA ARG C 8 21.54 -16.76 -14.70
C ARG C 8 22.21 -17.41 -13.49
N GLU C 9 21.49 -17.51 -12.38
CA GLU C 9 22.03 -18.16 -11.19
C GLU C 9 22.30 -19.64 -11.45
N LEU C 10 21.39 -20.32 -12.12
CA LEU C 10 21.57 -21.73 -12.43
C LEU C 10 22.80 -21.95 -13.30
N ALA C 11 22.96 -21.13 -14.33
CA ALA C 11 24.12 -21.24 -15.21
C ALA C 11 25.41 -20.95 -14.44
N ASP C 12 25.40 -19.94 -13.58
CA ASP C 12 26.59 -19.63 -12.79
C ASP C 12 26.95 -20.79 -11.88
N LEU C 13 25.94 -21.44 -11.28
CA LEU C 13 26.21 -22.64 -10.51
C LEU C 13 26.82 -23.72 -11.39
N GLY C 14 26.33 -23.84 -12.63
CA GLY C 14 26.96 -24.76 -13.57
C GLY C 14 28.37 -24.35 -13.94
N LYS C 15 28.60 -23.04 -14.09
CA LYS C 15 29.90 -22.55 -14.51
C LYS C 15 30.97 -22.69 -13.42
N ASP C 16 30.56 -22.78 -12.16
CA ASP C 16 31.51 -22.90 -11.05
C ASP C 16 31.03 -24.03 -10.13
N PRO C 17 31.79 -25.12 -10.00
CA PRO C 17 31.38 -26.20 -9.09
C PRO C 17 31.32 -25.69 -7.65
N PRO C 18 30.14 -25.69 -7.02
CA PRO C 18 30.08 -25.26 -5.62
C PRO C 18 30.82 -26.19 -4.67
N SER C 19 31.14 -27.42 -5.09
CA SER C 19 31.88 -28.36 -4.27
C SER C 19 31.07 -28.81 -3.07
N SER C 20 30.85 -27.91 -2.11
CA SER C 20 30.15 -28.24 -0.89
C SER C 20 28.63 -28.18 -1.03
N SER C 21 28.11 -27.81 -2.20
CA SER C 21 26.68 -27.69 -2.40
C SER C 21 26.35 -28.03 -3.84
N SER C 22 25.07 -28.30 -4.08
CA SER C 22 24.58 -28.58 -5.43
C SER C 22 23.09 -28.31 -5.47
N ALA C 23 22.69 -27.23 -6.14
CA ALA C 23 21.29 -26.85 -6.25
C ALA C 23 20.86 -26.92 -7.71
N GLY C 24 19.58 -27.24 -7.91
CA GLY C 24 19.02 -27.30 -9.24
C GLY C 24 17.51 -27.39 -9.22
N PRO C 25 16.87 -27.03 -10.33
CA PRO C 25 15.40 -27.06 -10.37
C PRO C 25 14.86 -28.47 -10.20
N VAL C 26 13.66 -28.56 -9.65
CA VAL C 26 12.95 -29.82 -9.56
C VAL C 26 12.26 -30.08 -10.90
N GLY C 27 12.59 -31.20 -11.54
CA GLY C 27 12.05 -31.50 -12.85
C GLY C 27 12.38 -30.41 -13.84
N ASP C 28 11.36 -29.66 -14.26
CA ASP C 28 11.52 -28.53 -15.16
C ASP C 28 10.98 -27.25 -14.58
N ASP C 29 10.62 -27.23 -13.29
CA ASP C 29 10.05 -26.04 -12.67
C ASP C 29 11.17 -25.17 -12.12
N LEU C 30 11.23 -23.92 -12.57
CA LEU C 30 12.27 -23.01 -12.12
C LEU C 30 11.97 -22.37 -10.77
N PHE C 31 10.74 -22.47 -10.27
CA PHE C 31 10.35 -21.90 -8.99
C PHE C 31 10.35 -22.92 -7.86
N HIS C 32 11.11 -24.01 -8.01
CA HIS C 32 11.19 -25.02 -6.96
C HIS C 32 12.51 -25.76 -7.14
N TRP C 33 13.49 -25.45 -6.29
CA TRP C 33 14.79 -26.08 -6.33
C TRP C 33 14.97 -27.02 -5.14
N GLN C 34 15.83 -28.00 -5.33
CA GLN C 34 16.31 -28.85 -4.25
C GLN C 34 17.82 -28.71 -4.17
N ALA C 35 18.33 -28.39 -2.99
CA ALA C 35 19.75 -28.18 -2.79
C ALA C 35 20.29 -29.20 -1.78
N THR C 36 21.58 -29.45 -1.86
CA THR C 36 22.26 -30.39 -0.98
C THR C 36 23.41 -29.67 -0.29
N ILE C 37 23.58 -29.93 1.00
CA ILE C 37 24.66 -29.37 1.80
C ILE C 37 25.40 -30.49 2.48
N MET C 38 26.73 -30.44 2.46
CA MET C 38 27.56 -31.42 3.14
C MET C 38 27.98 -30.87 4.49
N GLY C 39 27.82 -31.68 5.53
CA GLY C 39 28.22 -31.29 6.87
C GLY C 39 29.71 -31.00 6.93
N PRO C 40 30.09 -29.86 7.50
CA PRO C 40 31.52 -29.54 7.60
C PRO C 40 32.27 -30.60 8.41
N ALA C 41 33.53 -30.82 8.03
CA ALA C 41 34.33 -31.83 8.69
C ALA C 41 34.54 -31.49 10.17
N ASP C 42 34.82 -30.22 10.46
CA ASP C 42 35.03 -29.78 11.84
C ASP C 42 33.70 -29.40 12.50
N SER C 43 32.74 -30.32 12.46
CA SER C 43 31.42 -30.09 13.01
C SER C 43 30.85 -31.42 13.46
N PRO C 44 29.87 -31.43 14.37
CA PRO C 44 29.22 -32.69 14.74
C PRO C 44 28.52 -33.37 13.59
N TYR C 45 28.17 -32.62 12.53
CA TYR C 45 27.45 -33.16 11.39
C TYR C 45 28.39 -33.66 10.29
N ALA C 46 29.63 -33.98 10.64
CA ALA C 46 30.60 -34.40 9.63
C ALA C 46 30.10 -35.65 8.91
N GLY C 47 30.30 -35.67 7.60
CA GLY C 47 29.86 -36.79 6.79
C GLY C 47 28.36 -36.92 6.72
N GLY C 48 27.65 -35.81 6.57
CA GLY C 48 26.21 -35.84 6.45
C GLY C 48 25.74 -35.04 5.25
N VAL C 49 24.64 -35.52 4.67
CA VAL C 49 24.05 -34.90 3.49
C VAL C 49 22.68 -34.37 3.87
N PHE C 50 22.50 -33.06 3.78
CA PHE C 50 21.27 -32.40 4.20
C PHE C 50 20.58 -31.82 2.97
N PHE C 51 19.31 -32.15 2.81
CA PHE C 51 18.51 -31.68 1.68
C PHE C 51 17.71 -30.46 2.09
N LEU C 52 17.70 -29.44 1.25
CA LEU C 52 16.92 -28.24 1.46
C LEU C 52 16.00 -28.02 0.27
N SER C 53 14.82 -27.48 0.54
CA SER C 53 13.87 -27.10 -0.50
C SER C 53 13.84 -25.58 -0.58
N ILE C 54 13.94 -25.07 -1.81
CA ILE C 54 13.96 -23.64 -2.08
C ILE C 54 12.77 -23.31 -2.96
N HIS C 55 11.97 -22.34 -2.52
CA HIS C 55 10.78 -21.90 -3.27
C HIS C 55 10.97 -20.44 -3.62
N PHE C 56 11.14 -20.16 -4.90
CA PHE C 56 11.24 -18.78 -5.37
C PHE C 56 9.85 -18.17 -5.49
N PRO C 57 9.60 -17.00 -4.93
CA PRO C 57 8.30 -16.36 -5.09
C PRO C 57 8.14 -15.78 -6.50
N THR C 58 6.90 -15.40 -6.81
CA THR C 58 6.63 -14.78 -8.11
C THR C 58 7.34 -13.44 -8.25
N ASP C 59 7.76 -12.82 -7.16
CA ASP C 59 8.36 -11.51 -7.17
C ASP C 59 9.88 -11.53 -7.07
N TYR C 60 10.50 -12.70 -7.25
CA TYR C 60 11.94 -12.80 -7.14
C TYR C 60 12.60 -11.86 -8.16
N PRO C 61 13.73 -11.22 -7.82
CA PRO C 61 14.49 -11.26 -6.57
C PRO C 61 14.07 -10.20 -5.56
N PHE C 62 12.86 -9.69 -5.64
CA PHE C 62 12.40 -8.64 -4.74
C PHE C 62 11.75 -9.18 -3.48
N LYS C 63 11.63 -10.50 -3.35
CA LYS C 63 11.23 -11.15 -2.11
C LYS C 63 12.15 -12.33 -1.88
N PRO C 64 12.44 -12.66 -0.62
CA PRO C 64 13.42 -13.71 -0.34
C PRO C 64 12.89 -15.07 -0.78
N PRO C 65 13.77 -15.97 -1.20
CA PRO C 65 13.34 -17.36 -1.41
C PRO C 65 13.02 -18.02 -0.07
N LYS C 66 12.10 -18.99 -0.12
CA LYS C 66 11.74 -19.75 1.07
C LYS C 66 12.60 -21.01 1.11
N VAL C 67 13.52 -21.06 2.06
CA VAL C 67 14.48 -22.15 2.19
C VAL C 67 14.12 -22.92 3.45
N ASN C 68 13.89 -24.21 3.31
CA ASN C 68 13.53 -25.07 4.44
C ASN C 68 14.32 -26.36 4.39
N PHE C 69 14.90 -26.74 5.53
CA PHE C 69 15.55 -28.03 5.63
C PHE C 69 14.53 -29.15 5.49
N THR C 70 14.91 -30.20 4.76
CA THR C 70 14.10 -31.41 4.67
C THR C 70 14.65 -32.53 5.55
N THR C 71 15.96 -32.61 5.71
CA THR C 71 16.56 -33.57 6.62
C THR C 71 16.46 -33.07 8.05
N ARG C 72 16.20 -33.99 8.98
CA ARG C 72 16.15 -33.63 10.39
C ARG C 72 17.55 -33.29 10.89
N ILE C 73 17.67 -32.16 11.58
CA ILE C 73 18.96 -31.68 12.09
C ILE C 73 18.76 -31.19 13.52
N TYR C 74 19.73 -31.48 14.38
CA TYR C 74 19.69 -31.11 15.80
C TYR C 74 20.54 -29.86 15.99
N HIS C 75 19.93 -28.70 15.74
CA HIS C 75 20.64 -27.44 15.76
C HIS C 75 19.84 -26.42 16.56
N PRO C 76 20.51 -25.54 17.32
CA PRO C 76 19.77 -24.53 18.10
C PRO C 76 18.97 -23.57 17.25
N ASN C 77 19.32 -23.37 15.99
CA ASN C 77 18.68 -22.37 15.14
C ASN C 77 17.80 -22.98 14.04
N ILE C 78 17.56 -24.29 14.09
CA ILE C 78 16.74 -24.97 13.11
C ILE C 78 15.75 -25.84 13.87
N ASN C 79 14.46 -25.62 13.65
CA ASN C 79 13.42 -26.30 14.41
C ASN C 79 12.98 -27.57 13.66
N SER C 80 11.95 -28.23 14.18
CA SER C 80 11.52 -29.51 13.63
C SER C 80 10.89 -29.37 12.24
N ASN C 81 10.41 -28.18 11.87
CA ASN C 81 9.86 -27.95 10.55
C ASN C 81 10.92 -27.58 9.52
N GLY C 82 12.18 -27.49 9.93
CA GLY C 82 13.25 -27.09 9.01
C GLY C 82 13.43 -25.60 8.86
N SER C 83 12.63 -24.78 9.54
CA SER C 83 12.78 -23.34 9.45
C SER C 83 14.17 -22.94 9.94
N ILE C 84 14.80 -22.03 9.20
CA ILE C 84 16.17 -21.59 9.47
C ILE C 84 16.11 -20.16 10.00
N CYS C 85 16.78 -19.92 11.12
CA CYS C 85 16.84 -18.58 11.71
C CYS C 85 17.97 -17.82 11.03
N LEU C 86 17.66 -17.27 9.86
CA LEU C 86 18.62 -16.53 9.06
C LEU C 86 18.03 -15.17 8.70
N ASP C 87 18.79 -14.11 8.95
CA ASP C 87 18.27 -12.76 8.76
C ASP C 87 18.06 -12.43 7.29
N ILE C 88 18.91 -12.94 6.40
CA ILE C 88 18.83 -12.61 4.99
C ILE C 88 17.64 -13.29 4.33
N LEU C 89 16.85 -14.04 5.10
CA LEU C 89 15.68 -14.73 4.55
C LEU C 89 14.36 -14.14 5.04
N ARG C 90 14.38 -13.23 6.01
CA ARG C 90 13.15 -12.66 6.56
C ARG C 90 13.01 -11.18 6.25
N ASP C 91 13.97 -10.36 6.69
CA ASP C 91 13.86 -8.92 6.51
C ASP C 91 15.13 -8.24 6.03
N GLN C 92 16.25 -8.94 5.94
CA GLN C 92 17.49 -8.38 5.41
C GLN C 92 17.72 -8.77 3.96
N TRP C 93 16.73 -9.39 3.31
CA TRP C 93 16.88 -9.77 1.92
C TRP C 93 16.94 -8.54 1.03
N SER C 94 17.86 -8.56 0.08
CA SER C 94 17.97 -7.51 -0.93
C SER C 94 18.08 -8.15 -2.30
N PRO C 95 17.61 -7.47 -3.36
CA PRO C 95 17.75 -8.05 -4.71
C PRO C 95 19.17 -8.01 -5.24
N ALA C 96 20.13 -8.44 -4.42
CA ALA C 96 21.52 -8.54 -4.85
C ALA C 96 22.18 -9.79 -4.30
N LEU C 97 21.45 -10.66 -3.62
CA LEU C 97 21.99 -11.89 -3.03
C LEU C 97 21.65 -13.07 -3.92
N THR C 98 22.63 -13.93 -4.16
CA THR C 98 22.46 -15.14 -4.96
C THR C 98 22.23 -16.33 -4.05
N ILE C 99 21.77 -17.43 -4.65
CA ILE C 99 21.52 -18.65 -3.87
C ILE C 99 22.83 -19.19 -3.31
N SER C 100 23.94 -19.01 -4.02
CA SER C 100 25.22 -19.47 -3.50
C SER C 100 25.56 -18.78 -2.19
N LYS C 101 25.26 -17.49 -2.09
CA LYS C 101 25.49 -16.77 -0.84
C LYS C 101 24.64 -17.34 0.29
N VAL C 102 23.37 -17.66 -0.02
CA VAL C 102 22.49 -18.24 1.00
C VAL C 102 23.04 -19.58 1.47
N LEU C 103 23.51 -20.41 0.53
CA LEU C 103 24.06 -21.71 0.91
C LEU C 103 25.32 -21.55 1.75
N LEU C 104 26.17 -20.58 1.41
CA LEU C 104 27.34 -20.32 2.23
C LEU C 104 26.94 -19.87 3.63
N SER C 105 25.92 -19.02 3.73
CA SER C 105 25.43 -18.58 5.03
C SER C 105 24.93 -19.77 5.84
N ILE C 106 24.21 -20.68 5.20
CA ILE C 106 23.68 -21.85 5.91
C ILE C 106 24.81 -22.76 6.37
N SER C 107 25.84 -22.92 5.53
CA SER C 107 27.00 -23.71 5.95
C SER C 107 27.71 -23.08 7.13
N SER C 108 27.86 -21.74 7.12
CA SER C 108 28.47 -21.06 8.25
C SER C 108 27.62 -21.20 9.51
N LEU C 109 26.30 -21.17 9.34
CA LEU C 109 25.42 -21.40 10.48
C LEU C 109 25.62 -22.80 11.05
N LEU C 110 25.75 -23.80 10.17
CA LEU C 110 25.98 -25.16 10.63
C LEU C 110 27.30 -25.30 11.37
N THR C 111 28.36 -24.66 10.87
CA THR C 111 29.67 -24.87 11.47
C THR C 111 29.77 -24.27 12.87
N ASP C 112 28.94 -23.28 13.21
CA ASP C 112 28.90 -22.76 14.56
C ASP C 112 27.54 -22.14 14.86
N PRO C 113 26.78 -22.68 15.82
CA PRO C 113 25.45 -22.15 16.12
C PRO C 113 25.54 -20.86 16.94
N ASN C 114 24.36 -20.28 17.19
CA ASN C 114 24.22 -19.04 17.96
C ASN C 114 23.21 -19.27 19.07
N PRO C 115 23.65 -19.74 20.25
CA PRO C 115 22.70 -20.04 21.33
C PRO C 115 22.20 -18.80 22.07
N ASP C 116 22.76 -17.62 21.81
CA ASP C 116 22.33 -16.43 22.52
C ASP C 116 21.04 -15.84 21.96
N ASP C 117 20.68 -16.19 20.73
CA ASP C 117 19.42 -15.77 20.12
C ASP C 117 18.78 -16.99 19.47
N PRO C 118 18.34 -17.96 20.26
CA PRO C 118 17.97 -19.26 19.71
C PRO C 118 16.55 -19.33 19.18
N LEU C 119 16.33 -20.34 18.34
CA LEU C 119 15.01 -20.69 17.86
C LEU C 119 14.44 -21.91 18.56
N VAL C 120 15.31 -22.77 19.08
CA VAL C 120 14.91 -23.94 19.86
C VAL C 120 15.53 -23.81 21.24
N PRO C 121 14.80 -23.27 22.22
CA PRO C 121 15.43 -23.01 23.53
C PRO C 121 16.00 -24.23 24.22
N GLU C 122 15.44 -25.43 24.01
CA GLU C 122 15.94 -26.60 24.73
C GLU C 122 17.32 -27.02 24.20
N ILE C 123 17.48 -27.05 22.88
CA ILE C 123 18.78 -27.39 22.32
C ILE C 123 19.81 -26.32 22.67
N ALA C 124 19.38 -25.05 22.69
CA ALA C 124 20.28 -23.98 23.08
C ALA C 124 20.72 -24.14 24.54
N HIS C 125 19.79 -24.51 25.43
CA HIS C 125 20.15 -24.74 26.82
C HIS C 125 21.15 -25.88 26.95
N VAL C 126 20.91 -26.98 26.24
CA VAL C 126 21.86 -28.09 26.29
C VAL C 126 23.23 -27.65 25.77
N TYR C 127 23.23 -26.87 24.69
CA TYR C 127 24.50 -26.40 24.13
C TYR C 127 25.25 -25.52 25.12
N LYS C 128 24.54 -24.61 25.80
CA LYS C 128 25.21 -23.69 26.71
C LYS C 128 25.71 -24.40 27.96
N THR C 129 24.93 -25.35 28.49
CA THR C 129 25.29 -25.95 29.78
C THR C 129 26.09 -27.23 29.60
N ASP C 130 25.54 -28.22 28.91
CA ASP C 130 26.16 -29.55 28.78
C ASP C 130 26.57 -29.72 27.32
N ARG C 131 27.78 -29.28 26.99
CA ARG C 131 28.23 -29.30 25.60
C ARG C 131 28.38 -30.73 25.08
N SER C 132 28.94 -31.63 25.89
CA SER C 132 29.20 -32.99 25.43
C SER C 132 27.90 -33.69 25.03
N ARG C 133 26.84 -33.48 25.82
CA ARG C 133 25.56 -34.07 25.46
C ARG C 133 25.06 -33.52 24.13
N TYR C 134 25.28 -32.23 23.89
CA TYR C 134 24.91 -31.66 22.59
C TYR C 134 25.68 -32.32 21.47
N GLU C 135 26.98 -32.53 21.66
CA GLU C 135 27.79 -33.17 20.63
C GLU C 135 27.27 -34.57 20.34
N LEU C 136 27.00 -35.34 21.39
CA LEU C 136 26.51 -36.71 21.20
C LEU C 136 25.16 -36.72 20.50
N SER C 137 24.25 -35.81 20.89
CA SER C 137 22.94 -35.76 20.27
C SER C 137 23.03 -35.37 18.80
N ALA C 138 23.86 -34.37 18.47
CA ALA C 138 24.02 -33.97 17.08
C ALA C 138 24.61 -35.10 16.25
N ARG C 139 25.60 -35.81 16.80
CA ARG C 139 26.19 -36.93 16.10
C ARG C 139 25.16 -38.03 15.86
N GLU C 140 24.35 -38.35 16.87
CA GLU C 140 23.32 -39.36 16.72
C GLU C 140 22.32 -38.96 15.64
N TRP C 141 21.88 -37.71 15.66
CA TRP C 141 20.89 -37.26 14.69
C TRP C 141 21.45 -37.28 13.27
N THR C 142 22.70 -36.85 13.08
CA THR C 142 23.27 -36.85 11.75
C THR C 142 23.55 -38.27 11.27
N ARG C 143 23.84 -39.21 12.18
CA ARG C 143 24.01 -40.59 11.79
C ARG C 143 22.67 -41.24 11.45
N LYS C 144 21.59 -40.82 12.11
CA LYS C 144 20.31 -41.47 11.93
C LYS C 144 19.55 -40.93 10.72
N TYR C 145 19.56 -39.61 10.52
CA TYR C 145 18.75 -38.98 9.48
C TYR C 145 19.57 -38.49 8.28
N ALA C 146 20.74 -37.90 8.52
CA ALA C 146 21.51 -37.32 7.43
C ALA C 146 22.24 -38.36 6.59
N ILE C 147 22.42 -39.57 7.11
CA ILE C 147 23.10 -40.65 6.39
C ILE C 147 22.07 -41.74 6.11
N GLY C 148 21.95 -42.10 4.83
CA GLY C 148 21.00 -43.12 4.42
C GLY C 148 21.16 -43.50 2.96
N GLY D 1 21.81 -13.85 14.52
CA GLY D 1 20.36 -13.73 14.41
C GLY D 1 19.66 -15.05 14.67
MG MG E . -9.08 -2.84 -0.26
MG MG F . -14.63 -5.58 0.25
P1 POP G . -11.37 -1.97 2.11
O1 POP G . -11.36 -2.69 3.44
O2 POP G . -10.06 -2.17 1.39
O3 POP G . -11.53 -0.49 2.32
O POP G . -12.59 -2.47 1.21
P2 POP G . -12.42 -3.01 -0.30
O4 POP G . -13.14 -4.34 -0.39
O5 POP G . -13.04 -2.03 -1.27
O6 POP G . -10.97 -3.23 -0.64
P AMP H . -10.34 -0.14 -2.49
O1P AMP H . -9.65 -1.06 -1.52
O2P AMP H . -11.35 0.76 -1.83
O5' AMP H . -11.09 -1.03 -3.59
C5' AMP H . -10.27 -1.83 -4.42
C4' AMP H . -11.15 -2.59 -5.38
O4' AMP H . -10.33 -3.38 -6.27
C3' AMP H . -12.13 -3.56 -4.71
O3' AMP H . -13.45 -3.35 -5.22
C2' AMP H . -11.63 -4.94 -5.13
O2' AMP H . -12.63 -5.93 -5.28
C1' AMP H . -10.93 -4.65 -6.45
N9 AMP H . -9.90 -5.62 -6.81
C8 AMP H . -8.84 -5.96 -6.06
N7 AMP H . -8.10 -6.91 -6.69
C5 AMP H . -8.72 -7.20 -7.85
C6 AMP H . -8.47 -8.10 -9.00
N6 AMP H . -7.40 -8.92 -9.01
N1 AMP H . -9.36 -8.08 -10.01
C2 AMP H . -10.43 -7.28 -10.02
N3 AMP H . -10.71 -6.43 -9.01
C4 AMP H . -9.90 -6.35 -7.93
N01 A1AIV I . 18.41 -14.94 15.07
C02 A1AIV I . 17.66 -16.15 15.33
C03 A1AIV I . 16.34 -16.04 14.55
C04 A1AIV I . 16.51 -15.28 13.25
C05 A1AIV I . 15.30 -15.46 12.34
N06 A1AIV I . 14.41 -15.58 11.66
#